data_2NTY
#
_entry.id   2NTY
#
_cell.length_a   211.170
_cell.length_b   211.170
_cell.length_c   81.110
_cell.angle_alpha   90.00
_cell.angle_beta   90.00
_cell.angle_gamma   120.00
#
_symmetry.space_group_name_H-M   'P 63'
#
loop_
_entity.id
_entity.type
_entity.pdbx_description
1 polymer Emb|CAB41934.1
2 polymer 'Rac-like GTP-binding protein ARAC5'
3 non-polymer "GUANOSINE-5'-DIPHOSPHATE"
#
loop_
_entity_poly.entity_id
_entity_poly.type
_entity_poly.pdbx_seq_one_letter_code
_entity_poly.pdbx_strand_id
1 'polypeptide(L)'
;GKRSERQQADMEMMKDRFAKLLLGEDMSGGGKGVSSALALSNAITNLAASIFGEQTKLQPMPQDRQARWKKEIDWLLSVT
DHIVEFVPSQQTSKDGVCTEIMVTRQRGDLLMNIPALRKLDAMLIDTLDNFRGHNEFWYVSRDSEEGQQARNDRTNDKWW
LPPVKVPPGGLSEPSRRMLYFQKDSVTQVQKAAMAINAQVLSEMEIPESYIDSLPKNGRASLGDSIYKSITEEWFDPEQF
LAMLDMSTEHKVLDLKNRIEASVVIWKRKLHTKDTKSSWGSAVSLEKRELFEERAETILVLLKQKFPGLPQSSLDISKIQ
FNKDVGQAVLESYSRILESLAYTVMSRIEDVLYTDTLALKQTLLA
;
A,B
2 'polypeptide(L)'
;MSASRFIKCVTVGDGAVGKTCMLISYTSNTFPTDYVPTVFDNFSANVVVDGNTVNLGLWDTAGQEDYNRLRPLSYRGADV
FILAFSLISKASYENVAKKWIPELRHYAPGVPIILVGTKLDLRDDKQFFIDHPGAVPITTNQGEELKKLIGSPIYIECSS
KTQQNVKAVFDAAIKVVLQP
;
C,D
#
# COMPACT_ATOMS: atom_id res chain seq x y z
N ASP A 10 -3.86 14.10 16.52
CA ASP A 10 -4.78 13.07 15.87
C ASP A 10 -4.67 12.85 14.33
N MET A 11 -4.85 13.91 13.52
CA MET A 11 -4.38 13.86 12.11
C MET A 11 -2.86 13.52 12.24
N GLU A 12 -2.03 14.30 12.92
CA GLU A 12 -0.63 13.83 13.14
C GLU A 12 -0.54 12.27 13.42
N MET A 13 -1.51 11.74 14.14
CA MET A 13 -1.47 10.32 14.57
C MET A 13 -2.13 9.29 13.58
N MET A 14 -3.06 9.77 12.76
CA MET A 14 -3.61 8.99 11.63
C MET A 14 -2.52 8.84 10.57
N LYS A 15 -1.79 9.94 10.34
CA LYS A 15 -0.79 9.99 9.28
C LYS A 15 0.20 8.88 9.53
N ASP A 16 0.86 8.88 10.69
CA ASP A 16 1.74 7.76 11.09
C ASP A 16 1.08 6.39 10.74
N ARG A 17 -0.17 6.22 11.14
CA ARG A 17 -0.77 4.90 10.92
C ARG A 17 -0.76 4.47 9.44
N PHE A 18 -1.40 5.28 8.58
CA PHE A 18 -1.58 4.97 7.15
C PHE A 18 -0.25 4.91 6.42
N ALA A 19 0.65 5.79 6.79
CA ALA A 19 1.93 5.79 6.18
C ALA A 19 2.64 4.48 6.37
N LYS A 20 2.67 3.94 7.58
CA LYS A 20 3.31 2.65 7.77
C LYS A 20 2.59 1.50 6.99
N LEU A 21 1.36 1.72 6.52
CA LEU A 21 0.67 0.68 5.78
C LEU A 21 1.12 0.72 4.34
N LEU A 22 1.57 1.87 3.87
CA LEU A 22 2.02 1.94 2.51
C LEU A 22 3.40 1.34 2.39
N LEU A 23 4.06 1.15 3.51
CA LEU A 23 5.34 0.55 3.46
C LEU A 23 5.28 -0.95 3.49
N GLY A 24 4.72 -1.51 4.55
CA GLY A 24 3.94 -2.70 4.41
C GLY A 24 4.76 -3.95 4.32
N GLU A 25 5.52 -4.23 5.35
CA GLU A 25 5.57 -3.41 6.52
C GLU A 25 7.04 -3.12 6.69
N ASP A 26 7.70 -2.90 5.58
CA ASP A 26 9.12 -3.02 5.47
C ASP A 26 9.69 -1.67 5.59
N MET A 27 10.32 -1.41 6.71
CA MET A 27 10.43 -0.07 7.24
C MET A 27 11.51 0.69 6.50
N SER A 28 12.07 0.04 5.49
CA SER A 28 13.34 0.48 4.93
C SER A 28 13.15 0.88 3.50
N GLY A 29 11.94 1.30 3.15
CA GLY A 29 11.65 1.72 1.80
C GLY A 29 11.11 0.60 0.96
N GLY A 30 11.93 -0.43 0.76
CA GLY A 30 12.05 -1.07 -0.53
C GLY A 30 10.82 -1.88 -0.89
N GLY A 31 9.67 -1.44 -0.40
CA GLY A 31 8.50 -2.29 -0.40
C GLY A 31 8.87 -3.68 -0.86
N LYS A 32 9.81 -4.29 -0.16
CA LYS A 32 9.97 -5.73 -0.20
C LYS A 32 9.64 -6.31 1.15
N GLY A 33 8.47 -6.91 1.27
CA GLY A 33 7.35 -6.28 1.91
C GLY A 33 6.06 -6.94 1.47
N VAL A 34 4.93 -6.39 1.89
CA VAL A 34 3.71 -7.14 2.07
C VAL A 34 2.56 -6.34 1.49
N SER A 35 1.38 -6.92 1.45
CA SER A 35 0.29 -6.29 0.73
C SER A 35 -0.50 -5.35 1.64
N SER A 36 -0.93 -4.21 1.08
CA SER A 36 -1.94 -3.39 1.73
C SER A 36 -3.03 -4.24 2.37
N ALA A 37 -3.30 -5.38 1.76
CA ALA A 37 -4.17 -6.39 2.37
C ALA A 37 -3.61 -6.85 3.72
N LEU A 38 -2.35 -7.27 3.72
CA LEU A 38 -1.81 -8.07 4.80
C LEU A 38 -1.11 -7.21 5.85
N ALA A 39 -0.54 -6.09 5.40
CA ALA A 39 -0.44 -4.90 6.22
C ALA A 39 -1.71 -4.64 6.99
N LEU A 40 -2.86 -4.66 6.31
CA LEU A 40 -4.13 -4.34 6.97
C LEU A 40 -4.52 -5.41 7.94
N SER A 41 -4.52 -6.65 7.44
CA SER A 41 -4.86 -7.81 8.21
C SER A 41 -4.07 -7.85 9.54
N ASN A 42 -2.75 -7.82 9.43
CA ASN A 42 -1.86 -7.77 10.58
C ASN A 42 -2.18 -6.60 11.54
N ALA A 43 -2.18 -5.38 11.02
CA ALA A 43 -2.55 -4.21 11.81
C ALA A 43 -3.88 -4.32 12.59
N ILE A 44 -4.92 -4.87 11.96
CA ILE A 44 -6.20 -5.07 12.66
C ILE A 44 -5.95 -6.05 13.77
N THR A 45 -5.37 -7.21 13.47
CA THR A 45 -4.93 -8.18 14.48
C THR A 45 -4.13 -7.55 15.65
N ASN A 46 -3.13 -6.75 15.35
CA ASN A 46 -2.24 -6.29 16.37
C ASN A 46 -2.89 -5.28 17.24
N LEU A 47 -3.84 -4.55 16.69
CA LEU A 47 -4.56 -3.57 17.44
C LEU A 47 -5.52 -4.28 18.38
N ALA A 48 -6.40 -5.12 17.86
CA ALA A 48 -7.29 -5.86 18.71
C ALA A 48 -6.53 -6.60 19.81
N ALA A 49 -5.44 -7.28 19.48
CA ALA A 49 -4.68 -8.02 20.50
C ALA A 49 -4.25 -7.13 21.63
N SER A 50 -3.78 -5.95 21.25
CA SER A 50 -3.29 -4.92 22.10
C SER A 50 -4.36 -4.43 23.01
N ILE A 51 -5.53 -4.13 22.45
CA ILE A 51 -6.61 -3.56 23.23
C ILE A 51 -7.33 -4.53 24.17
N PHE A 52 -7.65 -5.73 23.71
CA PHE A 52 -8.38 -6.67 24.53
C PHE A 52 -7.46 -7.50 25.39
N GLY A 53 -6.17 -7.36 25.14
CA GLY A 53 -5.14 -7.92 26.03
C GLY A 53 -5.31 -7.41 27.45
N GLU A 54 -6.08 -6.34 27.61
CA GLU A 54 -6.24 -5.67 28.90
C GLU A 54 -7.56 -6.01 29.56
N GLN A 55 -8.51 -6.55 28.78
CA GLN A 55 -9.75 -7.11 29.30
C GLN A 55 -9.46 -8.34 30.11
N THR A 56 -8.92 -8.18 31.30
CA THR A 56 -8.54 -9.32 32.12
C THR A 56 -9.62 -9.60 33.19
N LYS A 57 -10.65 -8.74 33.22
CA LYS A 57 -11.78 -8.90 34.13
C LYS A 57 -13.15 -8.58 33.51
N LEU A 58 -14.20 -9.07 34.14
CA LEU A 58 -15.52 -8.81 33.66
C LEU A 58 -15.89 -7.44 34.14
N GLN A 59 -15.61 -6.46 33.29
CA GLN A 59 -15.99 -5.09 33.55
C GLN A 59 -15.92 -4.25 32.29
N PRO A 60 -16.58 -3.10 32.32
CA PRO A 60 -16.63 -2.31 31.13
C PRO A 60 -15.24 -1.94 30.70
N MET A 61 -15.00 -2.01 29.41
CA MET A 61 -13.79 -1.46 28.83
C MET A 61 -13.70 0.00 29.28
N PRO A 62 -12.56 0.43 29.87
CA PRO A 62 -12.39 1.83 30.34
C PRO A 62 -12.74 2.81 29.21
N GLN A 63 -13.27 4.02 29.48
CA GLN A 63 -13.86 4.81 28.41
C GLN A 63 -12.80 5.27 27.41
N ASP A 64 -11.61 5.65 27.85
CA ASP A 64 -10.50 6.05 26.99
C ASP A 64 -10.13 4.93 26.01
N ARG A 65 -10.06 3.70 26.50
CA ARG A 65 -9.78 2.56 25.63
C ARG A 65 -10.87 2.38 24.59
N GLN A 66 -12.11 2.39 25.03
CA GLN A 66 -13.26 2.25 24.11
C GLN A 66 -13.13 3.27 22.98
N ALA A 67 -12.80 4.52 23.34
CA ALA A 67 -12.58 5.64 22.38
C ALA A 67 -11.49 5.31 21.33
N ARG A 68 -10.33 4.87 21.82
CA ARG A 68 -9.21 4.54 20.96
C ARG A 68 -9.54 3.36 20.07
N TRP A 69 -10.21 2.37 20.61
CA TRP A 69 -10.55 1.26 19.77
C TRP A 69 -11.48 1.74 18.65
N LYS A 70 -12.40 2.66 18.97
CA LYS A 70 -13.40 3.11 18.01
C LYS A 70 -12.77 3.73 16.77
N LYS A 71 -11.92 4.74 16.99
CA LYS A 71 -11.32 5.50 15.91
C LYS A 71 -10.35 4.68 15.12
N GLU A 72 -9.43 3.98 15.77
CA GLU A 72 -8.43 3.25 15.00
C GLU A 72 -9.06 2.11 14.21
N ILE A 73 -10.18 1.61 14.68
CA ILE A 73 -10.78 0.60 13.89
C ILE A 73 -11.54 1.23 12.72
N ASP A 74 -12.04 2.46 12.86
CA ASP A 74 -12.63 3.16 11.71
C ASP A 74 -11.59 3.41 10.64
N TRP A 75 -10.40 3.72 11.09
CA TRP A 75 -9.32 4.02 10.21
C TRP A 75 -9.04 2.79 9.41
N LEU A 76 -8.91 1.65 10.08
CA LEU A 76 -8.46 0.48 9.36
C LEU A 76 -9.56 0.00 8.43
N LEU A 77 -10.81 0.14 8.87
CA LEU A 77 -11.97 -0.23 8.08
C LEU A 77 -12.35 0.62 6.88
N SER A 78 -12.02 1.91 6.90
CA SER A 78 -12.23 2.84 5.76
C SER A 78 -11.94 2.35 4.33
N VAL A 79 -10.79 1.71 4.07
CA VAL A 79 -10.51 1.30 2.70
C VAL A 79 -11.73 0.59 2.08
N THR A 80 -12.53 -0.05 2.91
CA THR A 80 -13.64 -0.78 2.38
C THR A 80 -14.70 0.16 1.89
N ASP A 81 -14.79 1.37 2.44
CA ASP A 81 -15.82 2.31 1.93
C ASP A 81 -15.63 2.51 0.44
N HIS A 82 -14.38 2.44 -0.01
CA HIS A 82 -14.03 2.67 -1.40
C HIS A 82 -13.96 1.48 -2.34
N ILE A 83 -14.13 0.24 -1.88
CA ILE A 83 -13.96 -0.94 -2.75
C ILE A 83 -15.26 -1.12 -3.46
N VAL A 84 -15.27 -1.05 -4.80
CA VAL A 84 -16.59 -1.03 -5.47
C VAL A 84 -16.86 -2.02 -6.56
N GLU A 85 -18.13 -2.07 -6.93
CA GLU A 85 -18.56 -2.66 -8.18
C GLU A 85 -18.89 -1.56 -9.20
N PHE A 86 -18.44 -1.76 -10.42
CA PHE A 86 -18.56 -0.74 -11.43
C PHE A 86 -19.51 -1.33 -12.43
N VAL A 87 -20.72 -0.81 -12.47
CA VAL A 87 -21.85 -1.52 -13.04
C VAL A 87 -22.61 -0.53 -13.91
N PRO A 88 -23.01 -0.95 -15.12
CA PRO A 88 -23.83 -0.13 -15.99
C PRO A 88 -25.22 0.06 -15.43
N SER A 89 -25.84 1.17 -15.83
CA SER A 89 -27.08 1.63 -15.29
C SER A 89 -27.65 2.75 -16.17
N GLN A 90 -28.69 3.44 -15.68
CA GLN A 90 -29.46 4.45 -16.42
C GLN A 90 -29.81 5.62 -15.55
N GLN A 91 -30.14 6.78 -16.10
CA GLN A 91 -30.67 7.91 -15.28
C GLN A 91 -31.36 8.82 -16.23
N THR A 92 -32.46 9.41 -15.78
CA THR A 92 -33.23 10.30 -16.67
C THR A 92 -33.40 11.69 -16.06
N SER A 93 -33.45 12.72 -16.89
CA SER A 93 -33.29 14.07 -16.41
C SER A 93 -34.61 14.69 -15.99
N LYS A 94 -34.56 15.91 -15.49
CA LYS A 94 -35.78 16.65 -15.17
C LYS A 94 -36.67 16.83 -16.42
N ASP A 95 -36.03 16.89 -17.58
CA ASP A 95 -36.64 17.11 -18.87
C ASP A 95 -37.11 15.82 -19.60
N GLY A 96 -36.78 14.66 -19.02
CA GLY A 96 -37.12 13.33 -19.55
C GLY A 96 -36.12 12.52 -20.41
N VAL A 97 -34.85 12.90 -20.48
CA VAL A 97 -33.94 12.16 -21.35
C VAL A 97 -33.19 11.05 -20.62
N CYS A 98 -33.37 9.81 -21.08
CA CYS A 98 -32.62 8.68 -20.55
C CYS A 98 -31.14 8.63 -20.96
N THR A 99 -30.24 8.44 -20.02
CA THR A 99 -28.80 8.47 -20.34
C THR A 99 -28.12 7.28 -19.72
N GLU A 100 -27.38 6.52 -20.52
CA GLU A 100 -26.72 5.35 -20.01
C GLU A 100 -25.44 5.72 -19.31
N ILE A 101 -25.31 5.25 -18.07
CA ILE A 101 -24.19 5.60 -17.24
C ILE A 101 -23.60 4.37 -16.66
N MET A 102 -22.43 4.53 -16.06
CA MET A 102 -21.87 3.47 -15.26
C MET A 102 -21.98 3.92 -13.85
N VAL A 103 -22.53 3.09 -13.01
CA VAL A 103 -22.71 3.47 -11.64
C VAL A 103 -21.77 2.71 -10.69
N THR A 104 -21.65 3.20 -9.47
CA THR A 104 -20.80 2.59 -8.46
C THR A 104 -21.57 2.04 -7.22
N ARG A 105 -21.10 0.94 -6.64
CA ARG A 105 -21.74 0.44 -5.39
C ARG A 105 -20.81 -0.40 -4.48
N GLN A 106 -21.07 -0.42 -3.19
CA GLN A 106 -20.15 -1.16 -2.35
C GLN A 106 -20.05 -2.65 -2.78
N ARG A 107 -18.85 -3.17 -3.03
CA ARG A 107 -18.72 -4.57 -3.50
C ARG A 107 -19.52 -5.56 -2.61
N GLY A 108 -20.03 -6.64 -3.19
CA GLY A 108 -21.06 -7.51 -2.59
C GLY A 108 -20.88 -7.97 -1.15
N ASP A 109 -19.75 -8.59 -0.87
CA ASP A 109 -19.47 -9.16 0.46
C ASP A 109 -19.28 -8.11 1.51
N LEU A 110 -18.84 -6.94 1.08
CA LEU A 110 -18.68 -5.82 2.01
C LEU A 110 -19.96 -5.02 2.37
N LEU A 111 -21.04 -5.17 1.60
CA LEU A 111 -22.24 -4.35 1.80
C LEU A 111 -22.98 -4.78 3.04
N MET A 112 -22.99 -6.09 3.27
CA MET A 112 -23.83 -6.66 4.32
C MET A 112 -22.97 -7.04 5.53
N ASN A 113 -21.77 -7.54 5.24
CA ASN A 113 -20.90 -8.06 6.26
C ASN A 113 -20.23 -6.99 7.06
N ILE A 114 -19.75 -5.94 6.44
CA ILE A 114 -19.12 -4.92 7.23
C ILE A 114 -20.06 -4.39 8.35
N PRO A 115 -21.29 -3.99 7.99
CA PRO A 115 -22.27 -3.52 8.98
C PRO A 115 -22.54 -4.57 10.03
N ALA A 116 -22.67 -5.81 9.55
CA ALA A 116 -22.89 -6.97 10.35
C ALA A 116 -21.80 -7.21 11.38
N LEU A 117 -20.54 -7.10 10.95
CA LEU A 117 -19.40 -7.23 11.85
C LEU A 117 -19.33 -6.11 12.85
N ARG A 118 -19.70 -4.90 12.48
CA ARG A 118 -19.63 -3.73 13.43
C ARG A 118 -20.66 -3.81 14.53
N LYS A 119 -21.70 -4.59 14.26
CA LYS A 119 -22.81 -4.66 15.14
C LYS A 119 -22.48 -5.71 16.18
N LEU A 120 -21.61 -6.63 15.80
CA LEU A 120 -21.12 -7.61 16.73
C LEU A 120 -20.10 -6.94 17.61
N ASP A 121 -19.23 -6.14 17.01
CA ASP A 121 -18.21 -5.45 17.75
C ASP A 121 -18.96 -4.71 18.81
N ALA A 122 -19.97 -3.95 18.44
CA ALA A 122 -20.64 -3.08 19.40
C ALA A 122 -21.40 -3.83 20.50
N MET A 123 -21.88 -5.05 20.19
CA MET A 123 -22.55 -5.94 21.13
C MET A 123 -21.64 -6.51 22.17
N LEU A 124 -20.41 -6.81 21.77
CA LEU A 124 -19.38 -7.19 22.73
C LEU A 124 -19.13 -6.08 23.72
N ILE A 125 -18.84 -4.91 23.20
CA ILE A 125 -18.54 -3.77 24.01
C ILE A 125 -19.65 -3.49 25.04
N ASP A 126 -20.89 -3.58 24.58
CA ASP A 126 -22.08 -3.49 25.42
C ASP A 126 -22.21 -4.60 26.50
N THR A 127 -21.89 -5.86 26.17
CA THR A 127 -22.08 -6.85 27.22
C THR A 127 -21.11 -6.56 28.36
N LEU A 128 -19.95 -6.06 28.02
CA LEU A 128 -19.04 -5.58 29.03
C LEU A 128 -19.60 -4.36 29.77
N ASP A 129 -20.34 -3.49 29.11
CA ASP A 129 -20.96 -2.37 29.83
C ASP A 129 -21.99 -2.84 30.84
N ASN A 130 -22.54 -4.04 30.63
CA ASN A 130 -23.55 -4.54 31.56
C ASN A 130 -22.86 -5.15 32.74
N PHE A 131 -21.75 -4.53 33.12
CA PHE A 131 -20.97 -4.96 34.26
C PHE A 131 -20.53 -3.70 35.05
N ARG A 132 -21.04 -2.53 34.58
CA ARG A 132 -20.76 -1.17 35.13
C ARG A 132 -21.42 -1.06 36.45
N GLY A 133 -20.68 -1.17 37.53
CA GLY A 133 -21.33 -1.09 38.85
C GLY A 133 -21.42 -2.46 39.50
N HIS A 134 -22.15 -2.57 40.60
CA HIS A 134 -21.96 -3.72 41.47
C HIS A 134 -21.97 -5.08 40.86
N ASN A 135 -20.93 -5.84 41.19
CA ASN A 135 -20.87 -7.23 40.80
C ASN A 135 -20.60 -8.08 42.01
N GLU A 136 -21.48 -9.05 42.22
CA GLU A 136 -21.38 -9.91 43.36
C GLU A 136 -20.08 -10.70 43.43
N PHE A 137 -19.24 -10.56 42.39
CA PHE A 137 -17.89 -11.18 42.34
C PHE A 137 -16.79 -10.13 42.17
N TRP A 138 -15.58 -10.48 42.57
CA TRP A 138 -14.50 -9.52 42.60
C TRP A 138 -13.14 -10.18 42.37
N TYR A 139 -12.16 -9.39 41.95
CA TYR A 139 -10.87 -9.91 41.54
C TYR A 139 -9.79 -9.54 42.55
N VAL A 140 -8.83 -10.42 42.80
CA VAL A 140 -7.61 -10.05 43.58
C VAL A 140 -6.36 -10.10 42.70
N SER A 141 -5.38 -9.24 42.97
CA SER A 141 -4.14 -9.24 42.14
C SER A 141 -3.42 -10.59 42.27
N ARG A 142 -2.87 -11.05 41.13
CA ARG A 142 -2.25 -12.36 41.02
C ARG A 142 -1.08 -12.59 41.98
N ASP A 143 -0.30 -11.53 42.24
CA ASP A 143 0.90 -11.59 43.11
C ASP A 143 0.74 -11.30 44.63
N SER A 144 -0.48 -11.01 45.10
CA SER A 144 -0.73 -10.67 46.52
C SER A 144 -1.18 -11.92 47.29
N GLU A 145 -1.12 -11.91 48.63
CA GLU A 145 -1.39 -13.14 49.42
C GLU A 145 -2.78 -13.77 49.14
N GLU A 146 -3.82 -12.92 49.13
CA GLU A 146 -5.19 -13.40 48.96
C GLU A 146 -5.32 -14.13 47.61
N GLY A 147 -4.54 -13.68 46.63
CA GLY A 147 -4.45 -14.35 45.30
C GLY A 147 -3.92 -15.79 45.37
N GLN A 148 -2.87 -15.99 46.18
CA GLN A 148 -2.16 -17.26 46.26
C GLN A 148 -3.05 -18.38 46.78
N GLN A 149 -4.05 -18.04 47.56
CA GLN A 149 -5.05 -19.03 48.04
C GLN A 149 -6.15 -19.36 46.99
N ALA A 150 -6.24 -18.58 45.92
CA ALA A 150 -7.40 -18.69 45.01
C ALA A 150 -7.03 -19.20 43.60
N ARG A 154 -8.69 -24.27 36.86
CA ARG A 154 -8.78 -23.35 35.70
C ARG A 154 -7.84 -22.10 35.78
N THR A 155 -7.57 -21.64 37.01
CA THR A 155 -6.76 -20.43 37.23
C THR A 155 -5.20 -20.63 37.06
N ASN A 156 -4.62 -21.67 37.73
CA ASN A 156 -3.15 -21.93 37.85
C ASN A 156 -2.39 -22.00 36.49
N ASP A 157 -3.12 -22.36 35.41
CA ASP A 157 -2.61 -22.49 34.01
C ASP A 157 -2.52 -21.17 33.20
N LYS A 158 -3.15 -20.09 33.71
CA LYS A 158 -3.03 -18.72 33.17
C LYS A 158 -2.54 -17.76 34.26
N TRP A 159 -1.39 -18.07 34.80
CA TRP A 159 -0.87 -17.41 35.97
C TRP A 159 -0.94 -15.88 35.96
N TRP A 160 -1.14 -15.29 34.77
CA TRP A 160 -1.13 -13.83 34.58
C TRP A 160 -2.43 -13.10 34.91
N LEU A 161 -3.57 -13.79 34.80
CA LEU A 161 -4.87 -13.20 35.05
C LEU A 161 -5.08 -13.01 36.52
N PRO A 162 -5.84 -11.94 36.90
CA PRO A 162 -6.19 -11.83 38.31
C PRO A 162 -7.22 -12.90 38.71
N PRO A 163 -6.94 -13.66 39.80
CA PRO A 163 -7.91 -14.63 40.33
C PRO A 163 -9.22 -13.96 40.71
N VAL A 164 -10.31 -14.49 40.20
CA VAL A 164 -11.62 -13.99 40.58
C VAL A 164 -12.04 -14.72 41.85
N LYS A 165 -12.77 -14.04 42.76
CA LYS A 165 -13.43 -14.70 43.89
C LYS A 165 -14.94 -14.39 43.92
N VAL A 166 -15.71 -15.22 44.61
CA VAL A 166 -17.16 -15.06 44.68
C VAL A 166 -17.48 -15.23 46.17
N PRO A 167 -18.58 -14.65 46.68
CA PRO A 167 -18.76 -14.66 48.16
C PRO A 167 -18.68 -16.09 48.76
N PRO A 168 -18.06 -16.24 49.96
CA PRO A 168 -18.08 -17.57 50.62
C PRO A 168 -19.51 -18.17 50.66
N GLY A 169 -19.70 -19.29 49.95
CA GLY A 169 -21.03 -19.93 49.86
C GLY A 169 -21.91 -19.39 48.73
N GLY A 170 -21.66 -19.89 47.51
CA GLY A 170 -22.42 -19.50 46.29
C GLY A 170 -22.36 -18.01 45.95
N LEU A 171 -23.21 -17.60 45.02
CA LEU A 171 -23.55 -16.18 44.87
C LEU A 171 -25.03 -16.13 44.51
N SER A 172 -25.68 -14.97 44.71
CA SER A 172 -27.13 -14.85 44.38
C SER A 172 -27.50 -15.46 43.00
N GLU A 173 -28.61 -16.22 43.06
CA GLU A 173 -29.21 -16.86 41.89
C GLU A 173 -29.86 -15.89 40.87
N PRO A 174 -30.00 -14.57 41.19
CA PRO A 174 -30.07 -13.56 40.12
C PRO A 174 -28.73 -13.23 39.41
N SER A 175 -27.67 -13.19 40.21
CA SER A 175 -26.31 -12.82 39.76
C SER A 175 -25.71 -13.96 38.91
N ARG A 176 -26.11 -15.20 39.26
CA ARG A 176 -25.80 -16.37 38.45
C ARG A 176 -26.76 -16.56 37.29
N ARG A 177 -28.04 -16.21 37.45
CA ARG A 177 -28.93 -16.25 36.28
C ARG A 177 -28.35 -15.36 35.17
N MET A 178 -28.03 -14.12 35.52
CA MET A 178 -27.60 -13.18 34.52
C MET A 178 -26.33 -13.68 33.79
N LEU A 179 -25.32 -14.14 34.54
CA LEU A 179 -24.04 -14.56 33.91
C LEU A 179 -24.26 -15.59 32.84
N TYR A 180 -25.05 -16.64 33.12
CA TYR A 180 -25.53 -17.55 32.04
C TYR A 180 -26.17 -16.81 30.84
N PHE A 181 -27.04 -15.83 31.14
CA PHE A 181 -27.73 -15.12 30.06
C PHE A 181 -26.70 -14.43 29.19
N GLN A 182 -25.61 -13.98 29.80
CA GLN A 182 -24.51 -13.38 29.05
C GLN A 182 -23.58 -14.42 28.46
N LYS A 183 -23.22 -15.51 29.16
CA LYS A 183 -22.42 -16.56 28.51
C LYS A 183 -23.11 -16.96 27.20
N ASP A 184 -24.44 -16.97 27.16
CA ASP A 184 -25.09 -17.33 25.91
C ASP A 184 -25.13 -16.23 24.88
N SER A 185 -25.51 -15.04 25.32
CA SER A 185 -25.56 -13.89 24.43
C SER A 185 -24.26 -13.84 23.66
N VAL A 186 -23.16 -14.21 24.31
CA VAL A 186 -21.81 -13.96 23.78
C VAL A 186 -21.36 -15.09 22.89
N THR A 187 -21.71 -16.32 23.26
CA THR A 187 -21.46 -17.51 22.44
C THR A 187 -22.13 -17.43 21.07
N GLN A 188 -23.33 -16.87 21.02
CA GLN A 188 -24.04 -16.68 19.76
C GLN A 188 -23.34 -15.59 18.90
N VAL A 189 -22.82 -14.54 19.52
CA VAL A 189 -21.99 -13.55 18.86
C VAL A 189 -20.72 -14.20 18.34
N GLN A 190 -20.08 -15.04 19.13
CA GLN A 190 -18.90 -15.70 18.63
C GLN A 190 -19.20 -16.51 17.40
N LYS A 191 -20.28 -17.29 17.44
CA LYS A 191 -20.62 -18.17 16.34
C LYS A 191 -20.89 -17.39 15.04
N ALA A 192 -21.53 -16.24 15.17
CA ALA A 192 -21.81 -15.35 14.05
C ALA A 192 -20.57 -14.87 13.28
N ALA A 193 -19.56 -14.49 14.07
CA ALA A 193 -18.32 -13.96 13.56
C ALA A 193 -17.59 -15.07 12.85
N MET A 194 -17.44 -16.20 13.51
CA MET A 194 -16.87 -17.37 12.87
C MET A 194 -17.56 -17.70 11.59
N ALA A 195 -18.89 -17.59 11.55
CA ALA A 195 -19.57 -17.90 10.31
C ALA A 195 -19.13 -16.97 9.20
N ILE A 196 -18.87 -15.71 9.52
CA ILE A 196 -18.39 -14.77 8.50
C ILE A 196 -16.96 -15.11 8.11
N ASN A 197 -16.10 -15.28 9.12
CA ASN A 197 -14.74 -15.73 8.91
C ASN A 197 -14.68 -16.93 8.00
N ALA A 198 -15.53 -17.91 8.25
CA ALA A 198 -15.63 -19.08 7.40
C ALA A 198 -15.89 -18.71 5.92
N GLN A 199 -16.96 -17.93 5.71
CA GLN A 199 -17.45 -17.55 4.41
C GLN A 199 -16.33 -16.97 3.60
N VAL A 200 -15.69 -15.89 4.09
CA VAL A 200 -14.54 -15.29 3.38
C VAL A 200 -13.43 -16.23 2.98
N LEU A 201 -12.92 -17.02 3.91
CA LEU A 201 -11.87 -17.93 3.52
C LEU A 201 -12.30 -18.83 2.38
N SER A 202 -13.58 -19.18 2.29
CA SER A 202 -13.98 -20.03 1.18
C SER A 202 -14.04 -19.27 -0.11
N GLU A 203 -14.17 -17.96 -0.05
CA GLU A 203 -14.20 -17.19 -1.27
C GLU A 203 -12.82 -16.57 -1.54
N MET A 204 -11.81 -17.04 -0.83
CA MET A 204 -10.49 -16.60 -1.06
C MET A 204 -9.79 -17.46 -2.10
N GLU A 205 -8.74 -16.88 -2.67
CA GLU A 205 -8.11 -17.42 -3.84
C GLU A 205 -7.10 -18.46 -3.38
N ILE A 206 -6.93 -19.53 -4.13
CA ILE A 206 -6.02 -20.57 -3.68
C ILE A 206 -4.62 -20.20 -4.12
N PRO A 207 -3.71 -20.03 -3.20
CA PRO A 207 -2.36 -19.62 -3.53
C PRO A 207 -1.59 -20.54 -4.49
N GLU A 208 -0.93 -19.96 -5.51
CA GLU A 208 0.02 -20.70 -6.36
C GLU A 208 0.99 -21.54 -5.53
N SER A 209 1.51 -21.00 -4.43
CA SER A 209 2.41 -21.79 -3.60
C SER A 209 1.75 -23.08 -3.18
N TYR A 210 0.50 -22.99 -2.68
CA TYR A 210 -0.27 -24.16 -2.17
C TYR A 210 -0.46 -25.28 -3.17
N ILE A 211 -0.97 -24.94 -4.35
CA ILE A 211 -1.02 -25.84 -5.51
C ILE A 211 0.32 -26.52 -5.71
N ASP A 212 1.36 -25.73 -5.82
CA ASP A 212 2.65 -26.27 -6.05
C ASP A 212 3.03 -27.34 -5.06
N SER A 213 2.69 -27.15 -3.80
CA SER A 213 3.06 -28.12 -2.77
C SER A 213 2.19 -29.38 -2.76
N LEU A 214 1.15 -29.44 -3.60
CA LEU A 214 0.19 -30.54 -3.57
C LEU A 214 0.72 -31.83 -4.17
N PRO A 215 0.28 -33.01 -3.67
CA PRO A 215 0.80 -34.25 -4.22
C PRO A 215 0.26 -34.54 -5.63
N LYS A 216 0.68 -35.69 -6.18
CA LYS A 216 0.38 -36.00 -7.59
C LYS A 216 -1.13 -36.27 -7.84
N ASN A 217 -1.82 -36.87 -6.85
CA ASN A 217 -3.14 -37.52 -7.03
C ASN A 217 -3.91 -37.68 -5.73
N GLY A 218 -5.25 -37.86 -5.81
CA GLY A 218 -6.12 -38.00 -4.62
C GLY A 218 -5.65 -39.03 -3.60
N ARG A 219 -5.19 -40.17 -4.09
CA ARG A 219 -4.65 -41.24 -3.23
C ARG A 219 -3.31 -40.92 -2.52
N ALA A 220 -2.75 -39.73 -2.74
CA ALA A 220 -1.51 -39.42 -2.05
C ALA A 220 -1.83 -38.57 -0.82
N SER A 221 -2.75 -37.62 -0.99
CA SER A 221 -3.13 -36.75 0.11
C SER A 221 -3.95 -37.53 1.15
N LEU A 222 -4.97 -38.25 0.72
CA LEU A 222 -5.75 -39.07 1.63
C LEU A 222 -4.95 -40.28 2.03
N GLY A 223 -4.15 -40.76 1.10
CA GLY A 223 -3.46 -42.01 1.27
C GLY A 223 -4.45 -43.14 1.27
N ASP A 224 -3.92 -44.35 1.16
CA ASP A 224 -4.65 -45.40 0.46
C ASP A 224 -5.78 -45.95 1.33
N SER A 225 -5.56 -45.85 2.66
CA SER A 225 -6.60 -46.31 3.59
C SER A 225 -7.87 -45.49 3.48
N ILE A 226 -7.73 -44.20 3.75
CA ILE A 226 -8.79 -43.24 3.61
C ILE A 226 -9.30 -43.17 2.17
N TYR A 227 -8.46 -43.46 1.20
CA TYR A 227 -8.93 -43.42 -0.19
C TYR A 227 -9.95 -44.55 -0.44
N LYS A 228 -9.73 -45.69 0.19
CA LYS A 228 -10.64 -46.80 0.00
C LYS A 228 -12.01 -46.43 0.56
N SER A 229 -12.04 -45.61 1.62
CA SER A 229 -13.27 -45.29 2.35
C SER A 229 -14.17 -44.29 1.62
N ILE A 230 -13.58 -43.26 1.04
CA ILE A 230 -14.37 -42.31 0.27
C ILE A 230 -14.61 -42.86 -1.14
N THR A 231 -14.31 -44.15 -1.36
CA THR A 231 -14.31 -44.73 -2.70
C THR A 231 -15.05 -46.06 -2.85
N GLU A 232 -15.62 -46.61 -1.77
CA GLU A 232 -16.44 -47.82 -1.86
C GLU A 232 -17.88 -47.58 -2.32
N GLU A 233 -18.65 -48.67 -2.47
CA GLU A 233 -20.01 -48.59 -3.02
C GLU A 233 -20.95 -47.82 -2.10
N TRP A 234 -21.19 -48.33 -0.89
CA TRP A 234 -21.87 -47.56 0.14
C TRP A 234 -21.04 -46.38 0.60
N PHE A 235 -21.67 -45.45 1.31
CA PHE A 235 -20.94 -44.45 2.09
C PHE A 235 -21.89 -43.62 2.94
N ASP A 236 -21.50 -43.37 4.18
CA ASP A 236 -22.23 -42.44 5.05
C ASP A 236 -21.28 -41.75 6.02
N PRO A 237 -21.18 -40.43 5.88
CA PRO A 237 -20.05 -39.67 6.47
C PRO A 237 -20.01 -39.79 7.98
N GLU A 238 -21.17 -40.11 8.57
CA GLU A 238 -21.26 -40.24 10.01
C GLU A 238 -20.41 -41.42 10.47
N GLN A 239 -20.66 -42.60 9.89
CA GLN A 239 -19.91 -43.81 10.18
C GLN A 239 -18.41 -43.60 9.85
N PHE A 240 -18.14 -43.07 8.65
CA PHE A 240 -16.78 -42.80 8.17
C PHE A 240 -15.90 -42.33 9.27
N LEU A 241 -16.38 -41.34 9.98
CA LEU A 241 -15.66 -40.67 11.07
C LEU A 241 -15.59 -41.46 12.36
N ALA A 242 -16.66 -42.17 12.69
CA ALA A 242 -16.61 -43.03 13.86
C ALA A 242 -15.53 -44.13 13.73
N MET A 243 -14.96 -44.27 12.53
CA MET A 243 -13.96 -45.31 12.24
C MET A 243 -12.51 -44.80 12.24
N LEU A 244 -12.34 -43.50 12.49
CA LEU A 244 -11.01 -42.87 12.47
C LEU A 244 -10.65 -42.34 13.82
N ASP A 245 -9.35 -42.21 14.06
CA ASP A 245 -8.90 -41.62 15.31
C ASP A 245 -9.08 -40.11 15.27
N MET A 246 -10.00 -39.62 16.09
CA MET A 246 -10.21 -38.18 16.25
C MET A 246 -10.00 -37.76 17.70
N SER A 247 -9.18 -38.48 18.46
CA SER A 247 -8.97 -38.19 19.87
C SER A 247 -8.40 -36.81 20.15
N THR A 248 -7.45 -36.38 19.34
CA THR A 248 -6.84 -35.06 19.50
C THR A 248 -7.32 -34.02 18.50
N GLU A 249 -7.09 -32.76 18.83
CA GLU A 249 -7.29 -31.66 17.87
C GLU A 249 -6.27 -31.66 16.73
N HIS A 250 -5.04 -32.11 17.01
CA HIS A 250 -4.04 -32.25 15.96
C HIS A 250 -4.44 -33.32 14.96
N LYS A 251 -5.09 -34.38 15.43
CA LYS A 251 -5.43 -35.48 14.52
C LYS A 251 -6.56 -35.13 13.60
N VAL A 252 -7.52 -34.37 14.13
CA VAL A 252 -8.68 -33.96 13.37
C VAL A 252 -8.21 -33.00 12.31
N LEU A 253 -7.31 -32.14 12.71
CA LEU A 253 -6.80 -31.15 11.81
C LEU A 253 -5.97 -31.76 10.67
N ASP A 254 -5.22 -32.85 10.95
CA ASP A 254 -4.41 -33.49 9.91
C ASP A 254 -5.37 -34.03 8.88
N LEU A 255 -6.47 -34.65 9.31
CA LEU A 255 -7.49 -35.10 8.37
C LEU A 255 -8.07 -33.95 7.54
N LYS A 256 -8.46 -32.87 8.22
CA LYS A 256 -9.05 -31.75 7.55
C LYS A 256 -8.13 -31.32 6.47
N ASN A 257 -6.84 -31.33 6.75
CA ASN A 257 -5.89 -30.91 5.75
C ASN A 257 -5.79 -31.88 4.59
N ARG A 258 -6.00 -33.16 4.84
CA ARG A 258 -5.88 -34.10 3.76
C ARG A 258 -7.11 -34.03 2.92
N ILE A 259 -8.29 -33.83 3.54
CA ILE A 259 -9.53 -33.77 2.77
C ILE A 259 -9.49 -32.53 1.89
N GLU A 260 -9.18 -31.38 2.46
CA GLU A 260 -9.05 -30.16 1.68
C GLU A 260 -8.11 -30.24 0.47
N ALA A 261 -6.97 -30.91 0.61
CA ALA A 261 -6.03 -31.01 -0.49
C ALA A 261 -6.70 -31.77 -1.64
N SER A 262 -7.32 -32.90 -1.34
CA SER A 262 -8.00 -33.69 -2.33
C SER A 262 -9.03 -32.87 -3.07
N VAL A 263 -9.99 -32.31 -2.36
CA VAL A 263 -11.00 -31.47 -2.99
C VAL A 263 -10.40 -30.54 -4.03
N VAL A 264 -9.30 -29.91 -3.67
CA VAL A 264 -8.71 -28.86 -4.47
C VAL A 264 -8.09 -29.46 -5.71
N ILE A 265 -7.72 -30.74 -5.62
CA ILE A 265 -7.13 -31.42 -6.76
C ILE A 265 -8.20 -31.74 -7.77
N TRP A 266 -9.33 -32.21 -7.29
CA TRP A 266 -10.36 -32.81 -8.15
C TRP A 266 -11.12 -31.74 -8.92
N LYS A 267 -11.24 -30.57 -8.32
CA LYS A 267 -11.76 -29.40 -9.02
C LYS A 267 -10.68 -28.75 -9.88
N ARG A 268 -9.72 -29.55 -10.31
CA ARG A 268 -8.81 -29.15 -11.38
C ARG A 268 -7.88 -30.30 -11.78
N ARG A 288 -17.07 -40.24 -10.12
CA ARG A 288 -16.13 -39.20 -10.53
C ARG A 288 -16.16 -37.84 -9.64
N GLU A 289 -17.17 -36.98 -9.84
CA GLU A 289 -17.47 -35.85 -8.93
C GLU A 289 -18.16 -36.35 -7.64
N LEU A 290 -18.66 -37.62 -7.64
CA LEU A 290 -19.11 -38.31 -6.44
C LEU A 290 -18.14 -38.09 -5.28
N PHE A 291 -16.91 -38.58 -5.37
CA PHE A 291 -15.96 -38.31 -4.31
C PHE A 291 -16.02 -36.85 -3.89
N GLU A 292 -15.53 -35.96 -4.74
CA GLU A 292 -15.59 -34.55 -4.41
C GLU A 292 -16.83 -34.22 -3.55
N GLU A 293 -18.04 -34.57 -4.02
CA GLU A 293 -19.26 -34.28 -3.25
C GLU A 293 -19.19 -34.83 -1.82
N ARG A 294 -18.73 -36.08 -1.64
CA ARG A 294 -18.58 -36.71 -0.30
C ARG A 294 -17.49 -36.04 0.54
N ALA A 295 -16.39 -35.70 -0.13
CA ALA A 295 -15.29 -35.06 0.54
C ALA A 295 -15.83 -33.79 1.16
N GLU A 296 -16.70 -33.11 0.43
CA GLU A 296 -17.22 -31.82 0.89
C GLU A 296 -18.27 -32.07 1.98
N THR A 297 -18.98 -33.17 1.86
CA THR A 297 -19.90 -33.53 2.89
C THR A 297 -19.19 -33.76 4.26
N ILE A 298 -17.93 -34.23 4.20
CA ILE A 298 -17.14 -34.61 5.39
C ILE A 298 -16.62 -33.39 6.10
N LEU A 299 -16.24 -32.38 5.33
CA LEU A 299 -15.79 -31.12 5.88
C LEU A 299 -16.87 -30.43 6.68
N VAL A 300 -18.06 -30.31 6.08
CA VAL A 300 -19.24 -29.81 6.79
C VAL A 300 -19.42 -30.45 8.18
N LEU A 301 -19.41 -31.79 8.21
CA LEU A 301 -19.52 -32.59 9.42
C LEU A 301 -18.40 -32.23 10.38
N LEU A 302 -17.20 -31.99 9.86
CA LEU A 302 -16.13 -31.54 10.74
C LEU A 302 -16.47 -30.22 11.41
N LYS A 303 -16.68 -29.16 10.60
CA LYS A 303 -17.17 -27.83 11.12
C LYS A 303 -18.35 -27.93 12.12
N GLN A 304 -19.22 -28.92 12.03
CA GLN A 304 -20.15 -29.12 13.14
C GLN A 304 -19.50 -29.69 14.40
N LYS A 305 -19.10 -30.98 14.39
CA LYS A 305 -18.38 -31.62 15.53
C LYS A 305 -17.23 -30.84 16.15
N PHE A 306 -16.51 -30.06 15.35
CA PHE A 306 -15.28 -29.46 15.80
C PHE A 306 -15.22 -27.98 15.49
N PRO A 307 -16.02 -27.19 16.21
CA PRO A 307 -16.22 -25.79 15.86
C PRO A 307 -15.03 -24.96 16.23
N GLY A 308 -14.47 -25.14 17.43
CA GLY A 308 -13.31 -24.33 17.81
C GLY A 308 -11.94 -24.72 17.27
N LEU A 309 -11.91 -25.24 16.04
CA LEU A 309 -10.73 -25.94 15.53
C LEU A 309 -9.75 -24.92 14.99
N PRO A 310 -8.46 -25.09 15.22
CA PRO A 310 -7.53 -24.07 14.70
C PRO A 310 -7.61 -24.07 13.18
N GLN A 311 -7.03 -23.05 12.52
CA GLN A 311 -7.21 -23.06 11.06
C GLN A 311 -6.27 -23.96 10.29
N SER A 312 -6.69 -24.31 9.08
CA SER A 312 -6.12 -25.44 8.38
C SER A 312 -4.99 -24.92 7.55
N SER A 313 -4.19 -25.82 6.96
CA SER A 313 -3.04 -25.44 6.13
C SER A 313 -3.42 -24.51 5.01
N LEU A 314 -4.59 -24.77 4.43
CA LEU A 314 -5.11 -24.00 3.33
C LEU A 314 -5.57 -22.62 3.77
N ASP A 315 -6.12 -22.51 4.98
CA ASP A 315 -6.60 -21.23 5.44
C ASP A 315 -5.38 -20.44 5.72
N ILE A 316 -4.44 -20.99 6.48
CA ILE A 316 -3.22 -20.25 6.77
C ILE A 316 -2.63 -19.68 5.48
N SER A 317 -2.63 -20.48 4.42
CA SER A 317 -2.05 -20.06 3.17
C SER A 317 -2.90 -19.02 2.47
N LYS A 318 -4.20 -19.29 2.31
CA LYS A 318 -5.12 -18.27 1.73
C LYS A 318 -4.83 -16.92 2.34
N ILE A 319 -4.75 -16.87 3.68
CA ILE A 319 -4.45 -15.64 4.39
C ILE A 319 -3.09 -15.08 4.02
N GLN A 320 -2.02 -15.85 4.19
CA GLN A 320 -0.65 -15.32 3.94
C GLN A 320 -0.44 -14.73 2.53
N PHE A 321 -0.96 -15.39 1.50
CA PHE A 321 -0.71 -14.90 0.13
C PHE A 321 -1.85 -14.09 -0.50
N ASN A 322 -2.85 -13.74 0.33
CA ASN A 322 -4.04 -13.02 -0.12
C ASN A 322 -3.75 -11.59 -0.50
N LYS A 323 -4.16 -11.21 -1.72
CA LYS A 323 -3.88 -9.85 -2.14
C LYS A 323 -5.08 -8.90 -2.08
N ASP A 324 -6.22 -9.40 -1.65
CA ASP A 324 -7.42 -8.65 -1.80
C ASP A 324 -7.81 -7.94 -0.51
N VAL A 325 -7.74 -6.59 -0.47
CA VAL A 325 -7.90 -5.91 0.81
C VAL A 325 -9.32 -5.95 1.35
N GLY A 326 -10.26 -6.23 0.46
CA GLY A 326 -11.65 -6.35 0.82
C GLY A 326 -11.76 -7.55 1.70
N GLN A 327 -11.39 -8.72 1.20
CA GLN A 327 -11.44 -9.91 2.02
C GLN A 327 -10.47 -9.81 3.25
N ALA A 328 -9.28 -9.26 3.06
CA ALA A 328 -8.33 -9.10 4.17
C ALA A 328 -9.00 -8.42 5.35
N VAL A 329 -9.69 -7.32 5.12
CA VAL A 329 -10.33 -6.63 6.20
C VAL A 329 -11.43 -7.50 6.75
N LEU A 330 -12.24 -8.11 5.87
CA LEU A 330 -13.31 -9.00 6.30
C LEU A 330 -12.81 -10.15 7.17
N GLU A 331 -11.83 -10.90 6.71
CA GLU A 331 -11.46 -12.11 7.49
C GLU A 331 -10.77 -11.68 8.77
N SER A 332 -9.87 -10.72 8.64
CA SER A 332 -9.10 -10.21 9.77
C SER A 332 -9.99 -9.70 10.90
N TYR A 333 -11.10 -9.04 10.54
CA TYR A 333 -11.93 -8.36 11.50
C TYR A 333 -12.86 -9.35 12.18
N SER A 334 -13.37 -10.30 11.42
CA SER A 334 -14.21 -11.30 12.00
C SER A 334 -13.38 -12.17 12.92
N ARG A 335 -12.09 -12.27 12.62
CA ARG A 335 -11.20 -13.11 13.43
C ARG A 335 -11.02 -12.49 14.80
N ILE A 336 -10.87 -11.18 14.87
CA ILE A 336 -10.57 -10.59 16.16
C ILE A 336 -11.81 -10.57 17.05
N LEU A 337 -12.96 -10.44 16.42
CA LEU A 337 -14.22 -10.46 17.10
C LEU A 337 -14.54 -11.84 17.62
N GLU A 338 -14.22 -12.84 16.84
CA GLU A 338 -14.30 -14.19 17.29
C GLU A 338 -13.61 -14.29 18.62
N SER A 339 -12.39 -13.78 18.66
CA SER A 339 -11.53 -13.82 19.81
C SER A 339 -12.03 -13.02 21.00
N LEU A 340 -12.53 -11.82 20.77
CA LEU A 340 -13.10 -11.08 21.86
C LEU A 340 -14.24 -11.86 22.52
N ALA A 341 -15.16 -12.35 21.69
CA ALA A 341 -16.29 -13.06 22.22
C ALA A 341 -15.80 -14.23 23.03
N TYR A 342 -14.79 -14.94 22.55
CA TYR A 342 -14.22 -16.03 23.34
C TYR A 342 -13.55 -15.56 24.63
N THR A 343 -12.78 -14.48 24.58
CA THR A 343 -12.14 -13.92 25.76
C THR A 343 -13.16 -13.69 26.83
N VAL A 344 -14.28 -13.04 26.45
CA VAL A 344 -15.36 -12.68 27.37
C VAL A 344 -16.06 -13.87 27.93
N MET A 345 -16.37 -14.84 27.10
CA MET A 345 -16.98 -16.00 27.65
C MET A 345 -16.03 -16.85 28.49
N SER A 346 -14.73 -16.71 28.32
CA SER A 346 -13.81 -17.31 29.27
C SER A 346 -13.90 -16.60 30.59
N ARG A 347 -13.93 -15.28 30.54
CA ARG A 347 -14.08 -14.54 31.79
C ARG A 347 -15.40 -14.81 32.55
N ILE A 348 -16.43 -15.26 31.84
CA ILE A 348 -17.67 -15.67 32.49
C ILE A 348 -17.50 -17.09 33.03
N GLU A 349 -16.90 -17.97 32.26
CA GLU A 349 -16.66 -19.32 32.73
C GLU A 349 -15.71 -19.32 33.91
N ASP A 350 -14.75 -18.40 33.92
CA ASP A 350 -13.89 -18.22 35.12
C ASP A 350 -14.66 -18.11 36.45
N VAL A 351 -15.58 -17.14 36.50
CA VAL A 351 -16.38 -16.94 37.69
C VAL A 351 -17.34 -18.08 37.85
N LEU A 352 -18.04 -18.48 36.77
CA LEU A 352 -19.08 -19.52 36.92
C LEU A 352 -18.63 -20.78 37.70
N TYR A 353 -17.34 -21.10 37.47
CA TYR A 353 -16.76 -22.34 37.92
C TYR A 353 -16.07 -22.24 39.30
N THR A 354 -15.52 -21.06 39.62
CA THR A 354 -15.08 -20.80 41.00
C THR A 354 -16.32 -20.55 41.88
N ASP A 355 -17.47 -20.44 41.21
CA ASP A 355 -18.74 -20.51 41.91
C ASP A 355 -19.11 -21.98 42.26
N THR A 356 -18.93 -22.88 41.27
CA THR A 356 -19.26 -24.30 41.46
C THR A 356 -18.37 -24.75 42.60
N LEU A 357 -17.11 -24.31 42.60
CA LEU A 357 -16.21 -24.68 43.68
C LEU A 357 -16.62 -24.18 45.08
N ALA A 358 -17.38 -23.08 45.08
CA ALA A 358 -17.83 -22.47 46.34
C ALA A 358 -18.92 -23.31 47.00
N LEU A 359 -19.80 -23.87 46.17
CA LEU A 359 -20.88 -24.76 46.63
C LEU A 359 -20.30 -26.09 47.16
N LYS A 360 -19.33 -26.65 46.38
CA LYS A 360 -18.54 -27.84 46.76
C LYS A 360 -17.86 -27.71 48.14
N GLN A 361 -16.97 -26.72 48.33
CA GLN A 361 -16.29 -26.51 49.62
C GLN A 361 -17.27 -26.14 50.73
N THR A 362 -18.52 -25.89 50.36
CA THR A 362 -19.59 -25.95 51.37
C THR A 362 -20.11 -27.44 51.48
N LEU A 363 -19.30 -28.30 52.13
CA LEU A 363 -19.66 -29.72 52.42
C LEU A 363 -18.96 -30.20 53.66
N ALA B 9 -13.84 17.22 8.30
CA ALA B 9 -13.80 17.51 6.82
C ALA B 9 -12.39 17.39 6.21
N ASP B 10 -11.36 17.60 7.05
CA ASP B 10 -9.95 17.37 6.66
C ASP B 10 -9.47 15.96 7.00
N MET B 11 -9.51 15.58 8.31
CA MET B 11 -9.37 14.15 8.76
C MET B 11 -10.29 13.27 7.88
N GLU B 12 -11.56 13.65 7.65
CA GLU B 12 -12.33 12.98 6.59
C GLU B 12 -11.55 12.97 5.26
N MET B 13 -11.19 14.14 4.75
CA MET B 13 -10.55 14.21 3.40
C MET B 13 -9.34 13.32 3.21
N MET B 14 -8.55 13.19 4.27
CA MET B 14 -7.24 12.56 4.25
C MET B 14 -7.40 11.04 4.20
N LYS B 15 -8.28 10.51 5.07
CA LYS B 15 -8.63 9.09 5.05
C LYS B 15 -8.86 8.69 3.58
N ASP B 16 -9.83 9.32 2.92
CA ASP B 16 -10.04 9.04 1.50
C ASP B 16 -8.77 8.94 0.67
N ARG B 17 -7.88 9.93 0.73
CA ARG B 17 -6.67 9.84 -0.07
C ARG B 17 -5.87 8.56 0.23
N PHE B 18 -5.64 8.33 1.52
CA PHE B 18 -4.83 7.22 1.97
C PHE B 18 -5.46 5.87 1.69
N ALA B 19 -6.74 5.76 1.98
CA ALA B 19 -7.49 4.58 1.64
C ALA B 19 -7.32 4.27 0.16
N LYS B 20 -7.55 5.22 -0.71
CA LYS B 20 -7.35 4.95 -2.14
C LYS B 20 -5.92 4.44 -2.48
N LEU B 21 -4.94 4.79 -1.67
CA LEU B 21 -3.57 4.38 -1.97
C LEU B 21 -3.32 2.96 -1.50
N LEU B 22 -3.92 2.55 -0.39
CA LEU B 22 -3.82 1.17 0.00
C LEU B 22 -4.47 0.26 -1.02
N LEU B 23 -5.42 0.79 -1.79
CA LEU B 23 -6.18 0.01 -2.72
C LEU B 23 -5.30 -0.22 -3.95
N GLY B 24 -4.89 0.84 -4.61
CA GLY B 24 -3.60 0.92 -5.25
C GLY B 24 -3.45 0.46 -6.68
N GLU B 25 -4.43 0.61 -7.54
CA GLU B 25 -5.14 1.84 -7.73
C GLU B 25 -6.48 1.24 -8.23
N ASP B 26 -6.77 0.05 -7.69
CA ASP B 26 -7.72 -0.89 -8.26
C ASP B 26 -8.94 -0.86 -7.46
N MET B 27 -9.90 -0.04 -7.85
CA MET B 27 -10.99 0.24 -6.96
C MET B 27 -11.88 -0.96 -6.73
N SER B 28 -11.57 -2.07 -7.39
CA SER B 28 -12.44 -3.21 -7.24
C SER B 28 -11.95 -4.21 -6.19
N GLY B 29 -11.03 -3.74 -5.37
CA GLY B 29 -10.75 -4.43 -4.13
C GLY B 29 -9.59 -5.40 -4.14
N GLY B 30 -9.34 -6.02 -5.30
CA GLY B 30 -8.51 -7.23 -5.38
C GLY B 30 -7.04 -6.94 -5.33
N GLY B 31 -6.67 -5.69 -5.05
CA GLY B 31 -5.26 -5.37 -4.98
C GLY B 31 -4.47 -6.02 -6.13
N LYS B 32 -5.16 -6.42 -7.23
CA LYS B 32 -4.55 -6.66 -8.55
C LYS B 32 -4.31 -5.28 -9.25
N GLY B 33 -3.79 -4.31 -8.51
CA GLY B 33 -3.54 -2.95 -9.04
C GLY B 33 -2.03 -2.75 -9.21
N VAL B 34 -1.47 -1.61 -8.73
CA VAL B 34 -0.02 -1.40 -8.72
C VAL B 34 0.54 -1.37 -7.28
N SER B 35 1.86 -1.38 -7.16
CA SER B 35 2.55 -1.28 -5.86
C SER B 35 2.19 0.03 -5.14
N SER B 36 2.47 0.11 -3.85
CA SER B 36 2.24 1.34 -3.15
C SER B 36 3.07 2.43 -3.72
N ALA B 37 4.31 2.13 -4.07
CA ALA B 37 5.24 3.15 -4.58
C ALA B 37 4.67 3.79 -5.80
N LEU B 38 4.17 2.97 -6.72
CA LEU B 38 3.63 3.48 -7.98
C LEU B 38 2.35 4.26 -7.70
N ALA B 39 1.42 3.67 -6.96
CA ALA B 39 0.25 4.41 -6.52
C ALA B 39 0.63 5.74 -5.96
N LEU B 40 1.71 5.82 -5.20
CA LEU B 40 2.07 7.07 -4.55
C LEU B 40 2.65 8.06 -5.54
N SER B 41 3.51 7.52 -6.38
CA SER B 41 4.17 8.29 -7.42
C SER B 41 3.17 8.88 -8.36
N ASN B 42 2.21 8.07 -8.77
CA ASN B 42 1.06 8.53 -9.56
C ASN B 42 0.20 9.65 -8.94
N ALA B 43 -0.24 9.49 -7.71
CA ALA B 43 -1.03 10.51 -7.10
C ALA B 43 -0.26 11.84 -6.95
N ILE B 44 1.05 11.80 -6.70
CA ILE B 44 1.85 13.03 -6.64
C ILE B 44 1.80 13.68 -7.97
N THR B 45 2.15 12.95 -9.03
CA THR B 45 2.07 13.51 -10.39
C THR B 45 0.69 14.07 -10.86
N ASN B 46 -0.41 13.48 -10.42
CA ASN B 46 -1.73 13.98 -10.73
C ASN B 46 -2.16 15.14 -9.91
N LEU B 47 -1.71 15.18 -8.67
CA LEU B 47 -1.97 16.32 -7.85
C LEU B 47 -1.32 17.56 -8.45
N ALA B 48 0.00 17.49 -8.65
CA ALA B 48 0.73 18.55 -9.32
C ALA B 48 0.03 18.98 -10.60
N ALA B 49 -0.21 18.07 -11.52
CA ALA B 49 -0.85 18.38 -12.79
C ALA B 49 -2.11 19.24 -12.68
N SER B 50 -2.97 18.93 -11.72
CA SER B 50 -4.22 19.64 -11.61
C SER B 50 -4.10 21.03 -10.98
N ILE B 51 -3.14 21.14 -10.07
CA ILE B 51 -2.93 22.37 -9.32
C ILE B 51 -2.24 23.36 -10.21
N PHE B 52 -1.21 22.91 -10.92
CA PHE B 52 -0.39 23.81 -11.72
C PHE B 52 -0.92 23.99 -13.13
N GLY B 53 -1.85 23.14 -13.50
CA GLY B 53 -2.52 23.31 -14.78
C GLY B 53 -3.34 24.59 -14.86
N GLU B 54 -3.69 25.19 -13.73
CA GLU B 54 -4.35 26.49 -13.68
C GLU B 54 -3.37 27.68 -13.69
N GLN B 55 -2.07 27.41 -13.44
CA GLN B 55 -1.04 28.42 -13.52
C GLN B 55 -0.81 28.83 -14.95
N THR B 56 -1.64 29.79 -15.34
CA THR B 56 -1.91 30.07 -16.71
C THR B 56 -1.38 31.46 -17.03
N LYS B 57 -1.00 32.15 -15.96
CA LYS B 57 -0.56 33.53 -15.98
C LYS B 57 0.60 33.77 -15.01
N LEU B 58 1.30 34.88 -15.14
CA LEU B 58 2.23 35.22 -14.11
C LEU B 58 1.54 35.94 -12.99
N GLN B 59 1.22 35.22 -11.93
CA GLN B 59 0.65 35.86 -10.76
C GLN B 59 0.66 34.88 -9.61
N PRO B 60 0.50 35.40 -8.38
CA PRO B 60 0.38 34.57 -7.20
C PRO B 60 -0.60 33.45 -7.41
N MET B 61 -0.13 32.24 -7.16
CA MET B 61 -1.01 31.12 -7.00
C MET B 61 -2.00 31.58 -5.93
N PRO B 62 -3.32 31.46 -6.24
CA PRO B 62 -4.41 31.92 -5.37
C PRO B 62 -4.18 31.42 -3.94
N GLN B 63 -4.68 32.13 -2.94
CA GLN B 63 -4.37 31.77 -1.56
C GLN B 63 -4.77 30.35 -1.14
N ASP B 64 -5.95 29.93 -1.59
CA ASP B 64 -6.49 28.62 -1.25
C ASP B 64 -5.95 27.45 -2.07
N ARG B 65 -5.43 27.69 -3.27
CA ARG B 65 -4.74 26.66 -4.06
C ARG B 65 -3.32 26.48 -3.49
N GLN B 66 -2.70 27.57 -3.02
CA GLN B 66 -1.43 27.48 -2.27
C GLN B 66 -1.62 26.58 -1.08
N ALA B 67 -2.80 26.73 -0.46
CA ALA B 67 -3.20 25.97 0.71
C ALA B 67 -3.46 24.49 0.43
N ARG B 68 -4.19 24.16 -0.64
CA ARG B 68 -4.48 22.76 -0.93
C ARG B 68 -3.17 22.08 -1.34
N TRP B 69 -2.38 22.75 -2.15
CA TRP B 69 -1.15 22.17 -2.57
C TRP B 69 -0.33 21.80 -1.35
N LYS B 70 -0.29 22.67 -0.36
CA LYS B 70 0.60 22.46 0.76
C LYS B 70 0.27 21.23 1.59
N LYS B 71 -1.00 20.97 1.83
CA LYS B 71 -1.35 19.90 2.75
C LYS B 71 -1.50 18.53 2.09
N GLU B 72 -2.04 18.53 0.89
CA GLU B 72 -2.08 17.38 0.04
C GLU B 72 -0.66 16.88 -0.26
N ILE B 73 0.26 17.79 -0.56
CA ILE B 73 1.57 17.33 -0.85
C ILE B 73 2.19 16.83 0.43
N ASP B 74 1.82 17.44 1.52
CA ASP B 74 2.32 17.06 2.81
C ASP B 74 1.93 15.61 3.13
N TRP B 75 0.62 15.32 3.03
CA TRP B 75 0.11 13.96 3.21
C TRP B 75 0.94 13.00 2.38
N LEU B 76 1.11 13.33 1.10
CA LEU B 76 1.77 12.41 0.15
C LEU B 76 3.22 12.09 0.53
N LEU B 77 3.97 13.12 0.93
CA LEU B 77 5.37 12.99 1.34
C LEU B 77 5.65 12.32 2.70
N SER B 78 4.67 12.30 3.62
CA SER B 78 4.92 11.84 5.00
C SER B 78 5.56 10.43 5.08
N VAL B 79 5.14 9.48 4.23
CA VAL B 79 5.76 8.14 4.20
C VAL B 79 7.27 8.21 4.41
N THR B 80 7.87 9.25 3.85
CA THR B 80 9.31 9.43 3.97
C THR B 80 9.71 9.59 5.42
N ASP B 81 8.90 10.25 6.25
CA ASP B 81 9.30 10.39 7.66
C ASP B 81 9.47 9.04 8.33
N HIS B 82 8.79 8.00 7.86
CA HIS B 82 8.95 6.68 8.47
C HIS B 82 9.96 5.73 7.81
N ILE B 83 10.60 6.12 6.70
CA ILE B 83 11.57 5.26 5.99
C ILE B 83 12.93 5.41 6.63
N VAL B 84 13.49 4.28 7.14
CA VAL B 84 14.69 4.37 7.99
C VAL B 84 15.83 3.44 7.66
N GLU B 85 17.00 3.80 8.22
CA GLU B 85 18.17 2.95 8.36
C GLU B 85 18.15 2.47 9.81
N PHE B 86 18.39 1.19 10.01
CA PHE B 86 18.30 0.61 11.33
C PHE B 86 19.72 0.15 11.65
N VAL B 87 20.43 0.93 12.46
CA VAL B 87 21.88 0.73 12.64
C VAL B 87 22.31 0.57 14.10
N PRO B 88 23.47 -0.07 14.39
CA PRO B 88 23.92 -0.25 15.75
C PRO B 88 24.42 1.04 16.34
N SER B 89 24.29 1.18 17.64
CA SER B 89 24.75 2.35 18.34
C SER B 89 25.03 2.02 19.77
N GLN B 90 25.31 3.05 20.57
CA GLN B 90 25.67 2.93 22.00
C GLN B 90 24.91 3.97 22.80
N GLN B 91 24.84 3.85 24.13
CA GLN B 91 23.97 4.70 24.95
C GLN B 91 24.37 4.65 26.40
N THR B 92 24.55 5.79 27.06
CA THR B 92 25.05 5.75 28.46
C THR B 92 24.06 6.35 29.48
N SER B 93 23.91 5.76 30.66
CA SER B 93 22.93 6.26 31.60
C SER B 93 23.50 7.39 32.47
N LYS B 94 22.65 8.02 33.29
CA LYS B 94 23.11 9.04 34.23
C LYS B 94 24.25 8.50 35.11
N ASP B 95 24.14 7.21 35.45
CA ASP B 95 25.10 6.50 36.31
C ASP B 95 26.39 6.04 35.63
N GLY B 96 26.40 6.04 34.29
CA GLY B 96 27.59 5.67 33.48
C GLY B 96 27.68 4.28 32.82
N VAL B 97 26.56 3.58 32.70
CA VAL B 97 26.58 2.22 32.19
C VAL B 97 26.34 2.30 30.72
N CYS B 98 27.30 1.85 29.94
CA CYS B 98 27.15 1.96 28.49
C CYS B 98 26.42 0.76 27.92
N THR B 99 25.34 1.01 27.20
CA THR B 99 24.52 -0.10 26.73
C THR B 99 24.27 -0.07 25.25
N GLU B 100 24.45 -1.20 24.59
CA GLU B 100 24.48 -1.27 23.16
C GLU B 100 23.08 -1.33 22.54
N ILE B 101 22.78 -0.52 21.53
CA ILE B 101 21.41 -0.44 21.05
C ILE B 101 21.34 -0.44 19.56
N MET B 102 20.14 -0.63 19.04
CA MET B 102 19.87 -0.39 17.64
C MET B 102 19.18 0.95 17.60
N VAL B 103 19.56 1.74 16.64
CA VAL B 103 19.05 3.08 16.53
C VAL B 103 18.45 3.36 15.13
N THR B 104 17.69 4.42 15.05
CA THR B 104 16.92 4.71 13.86
C THR B 104 17.22 6.08 13.29
N ARG B 105 17.20 6.11 11.97
CA ARG B 105 17.82 7.18 11.24
C ARG B 105 17.08 7.38 9.89
N GLN B 106 16.71 8.62 9.54
CA GLN B 106 16.08 8.74 8.23
C GLN B 106 17.03 8.21 7.15
N ARG B 107 16.57 7.36 6.25
CA ARG B 107 17.44 6.83 5.19
C ARG B 107 18.26 7.86 4.37
N GLY B 108 19.46 7.50 3.99
CA GLY B 108 20.37 8.49 3.42
C GLY B 108 19.87 9.44 2.34
N ASP B 109 19.14 8.89 1.39
CA ASP B 109 18.75 9.66 0.19
C ASP B 109 17.51 10.48 0.44
N LEU B 110 16.88 10.33 1.60
CA LEU B 110 15.75 11.17 1.89
C LEU B 110 16.17 12.23 2.88
N LEU B 111 17.33 12.04 3.51
CA LEU B 111 17.67 12.93 4.62
C LEU B 111 17.93 14.31 4.08
N MET B 112 18.63 14.38 2.96
CA MET B 112 19.03 15.69 2.42
C MET B 112 18.12 16.19 1.31
N ASN B 113 17.74 15.25 0.44
CA ASN B 113 16.93 15.55 -0.72
C ASN B 113 15.52 16.03 -0.40
N ILE B 114 14.77 15.29 0.41
CA ILE B 114 13.43 15.75 0.71
C ILE B 114 13.41 17.20 1.17
N PRO B 115 14.25 17.59 2.16
CA PRO B 115 14.27 19.05 2.50
C PRO B 115 14.64 19.93 1.31
N ALA B 116 15.61 19.52 0.51
CA ALA B 116 16.03 20.28 -0.65
C ALA B 116 14.92 20.47 -1.73
N LEU B 117 14.09 19.45 -1.94
CA LEU B 117 13.03 19.49 -2.94
C LEU B 117 11.99 20.38 -2.40
N ARG B 118 11.78 20.33 -1.10
CA ARG B 118 10.78 21.21 -0.48
C ARG B 118 11.22 22.67 -0.51
N LYS B 119 12.54 22.87 -0.59
CA LYS B 119 13.10 24.18 -0.59
C LYS B 119 12.89 24.80 -1.97
N LEU B 120 12.94 23.96 -2.99
CA LEU B 120 12.57 24.39 -4.33
C LEU B 120 11.09 24.61 -4.46
N ASP B 121 10.29 23.77 -3.83
CA ASP B 121 8.85 23.94 -3.86
C ASP B 121 8.56 25.39 -3.50
N ALA B 122 9.08 25.82 -2.36
CA ALA B 122 8.65 27.11 -1.85
C ALA B 122 9.20 28.35 -2.63
N MET B 123 10.31 28.12 -3.32
CA MET B 123 10.99 29.10 -4.11
C MET B 123 10.22 29.35 -5.37
N LEU B 124 9.70 28.27 -5.94
CA LEU B 124 8.82 28.37 -7.10
C LEU B 124 7.56 29.15 -6.75
N ILE B 125 6.86 28.68 -5.71
CA ILE B 125 5.61 29.32 -5.28
C ILE B 125 5.82 30.79 -4.98
N ASP B 126 6.98 31.14 -4.45
CA ASP B 126 7.21 32.55 -4.09
C ASP B 126 7.84 33.42 -5.21
N THR B 127 8.51 32.77 -6.16
CA THR B 127 8.73 33.41 -7.44
C THR B 127 7.38 33.89 -7.96
N LEU B 128 6.38 33.02 -7.94
CA LEU B 128 5.05 33.41 -8.35
C LEU B 128 4.49 34.48 -7.45
N ASP B 129 4.89 34.55 -6.18
CA ASP B 129 4.40 35.66 -5.32
C ASP B 129 4.97 37.03 -5.63
N ASN B 130 6.12 37.07 -6.28
CA ASN B 130 6.75 38.33 -6.62
C ASN B 130 6.05 38.97 -7.75
N PHE B 131 4.95 38.38 -8.17
CA PHE B 131 4.12 38.97 -9.22
C PHE B 131 2.81 39.59 -8.67
N ARG B 132 2.68 39.58 -7.32
CA ARG B 132 1.64 40.33 -6.61
C ARG B 132 1.68 41.78 -7.12
N GLY B 133 0.51 42.41 -7.30
CA GLY B 133 0.47 43.84 -7.63
C GLY B 133 0.70 44.18 -9.08
N HIS B 134 1.14 45.40 -9.31
CA HIS B 134 1.18 45.92 -10.68
C HIS B 134 2.20 45.21 -11.51
N ASN B 135 1.75 44.79 -12.68
CA ASN B 135 2.61 44.26 -13.68
C ASN B 135 2.31 44.99 -14.96
N GLU B 136 3.39 45.41 -15.60
CA GLU B 136 3.29 46.19 -16.79
C GLU B 136 2.61 45.44 -17.91
N PHE B 137 2.61 44.11 -17.81
CA PHE B 137 1.93 43.20 -18.75
C PHE B 137 0.57 42.71 -18.24
N TRP B 138 -0.32 42.47 -19.18
CA TRP B 138 -1.61 41.93 -18.85
C TRP B 138 -2.06 40.77 -19.76
N TYR B 139 -3.02 39.98 -19.25
CA TYR B 139 -3.49 38.82 -19.96
C TYR B 139 -4.84 39.11 -20.53
N VAL B 140 -5.13 38.54 -21.69
CA VAL B 140 -6.43 38.72 -22.33
C VAL B 140 -7.24 37.42 -22.56
N SER B 141 -8.58 37.51 -22.44
CA SER B 141 -9.50 36.36 -22.61
C SER B 141 -9.35 35.68 -23.99
N ARG B 142 -9.08 34.35 -23.95
CA ARG B 142 -8.63 33.63 -25.15
C ARG B 142 -9.56 33.73 -26.36
N ASP B 143 -10.87 33.64 -26.11
CA ASP B 143 -11.89 33.80 -27.18
C ASP B 143 -12.50 35.20 -27.28
N SER B 144 -11.76 36.26 -26.94
CA SER B 144 -12.25 37.64 -27.14
C SER B 144 -11.76 38.29 -28.47
N GLU B 145 -12.31 39.45 -28.83
CA GLU B 145 -11.80 40.15 -30.03
C GLU B 145 -10.32 40.56 -29.79
N GLU B 146 -10.07 41.22 -28.65
CA GLU B 146 -8.72 41.59 -28.21
C GLU B 146 -7.75 40.41 -28.45
N GLY B 147 -8.09 39.24 -27.85
CA GLY B 147 -7.33 37.97 -27.98
C GLY B 147 -7.00 37.54 -29.41
N GLN B 148 -8.05 37.46 -30.25
CA GLN B 148 -7.92 37.09 -31.66
C GLN B 148 -6.88 37.94 -32.39
N GLN B 149 -7.03 39.26 -32.39
CA GLN B 149 -6.12 40.17 -33.15
C GLN B 149 -4.72 40.40 -32.51
N THR B 155 3.60 31.55 -31.18
CA THR B 155 3.19 30.81 -29.98
C THR B 155 1.68 30.63 -29.95
N ASN B 156 1.01 31.06 -31.00
CA ASN B 156 -0.41 30.76 -31.17
C ASN B 156 -0.65 29.27 -31.14
N ASP B 157 0.19 28.56 -30.40
CA ASP B 157 0.31 27.12 -30.56
C ASP B 157 -0.46 26.39 -29.47
N LYS B 158 -0.06 26.63 -28.23
CA LYS B 158 -0.90 26.38 -27.08
C LYS B 158 -2.14 27.26 -27.05
N TRP B 159 -3.15 26.86 -27.80
CA TRP B 159 -4.29 27.72 -28.07
C TRP B 159 -5.16 27.92 -26.85
N TRP B 160 -4.80 27.27 -25.75
CA TRP B 160 -5.72 27.17 -24.63
C TRP B 160 -5.34 28.11 -23.50
N LEU B 161 -4.18 28.73 -23.63
CA LEU B 161 -3.73 29.70 -22.65
C LEU B 161 -4.27 31.05 -23.04
N PRO B 162 -4.38 31.94 -22.07
CA PRO B 162 -4.74 33.33 -22.39
C PRO B 162 -3.52 34.12 -22.91
N PRO B 163 -3.62 34.74 -24.10
CA PRO B 163 -2.55 35.62 -24.68
C PRO B 163 -2.07 36.80 -23.79
N VAL B 164 -0.77 36.97 -23.68
CA VAL B 164 -0.29 38.18 -23.01
C VAL B 164 -0.30 39.38 -23.98
N LYS B 165 -0.53 40.59 -23.46
CA LYS B 165 -0.26 41.80 -24.22
C LYS B 165 0.72 42.72 -23.42
N VAL B 166 1.32 43.72 -24.05
CA VAL B 166 2.30 44.59 -23.36
C VAL B 166 2.08 46.04 -23.78
N PRO B 167 2.59 47.01 -22.98
CA PRO B 167 2.37 48.37 -23.50
C PRO B 167 2.85 48.45 -24.96
N PRO B 168 2.05 49.08 -25.84
CA PRO B 168 2.41 49.40 -27.24
C PRO B 168 3.86 49.80 -27.50
N GLY B 169 4.55 50.43 -26.54
CA GLY B 169 6.00 50.71 -26.68
C GLY B 169 6.97 49.64 -26.13
N GLY B 170 6.48 48.42 -25.87
CA GLY B 170 7.27 47.39 -25.18
C GLY B 170 7.35 47.62 -23.68
N LEU B 171 8.07 46.76 -22.96
CA LEU B 171 8.19 46.90 -21.49
C LEU B 171 9.20 47.97 -21.10
N SER B 172 9.40 48.12 -19.80
CA SER B 172 10.32 49.09 -19.26
C SER B 172 11.50 48.38 -18.73
N GLU B 173 12.68 48.94 -18.97
CA GLU B 173 13.94 48.42 -18.42
C GLU B 173 13.71 47.77 -17.06
N PRO B 174 13.20 48.51 -16.06
CA PRO B 174 12.95 47.89 -14.72
C PRO B 174 12.11 46.58 -14.65
N SER B 175 10.92 46.59 -15.27
CA SER B 175 10.04 45.39 -15.28
C SER B 175 10.55 44.32 -16.27
N ARG B 176 11.31 44.74 -17.29
CA ARG B 176 12.10 43.81 -18.11
C ARG B 176 13.35 43.27 -17.39
N ARG B 177 14.11 44.10 -16.67
CA ARG B 177 15.25 43.57 -15.92
C ARG B 177 14.70 42.60 -14.87
N MET B 178 13.58 43.03 -14.28
CA MET B 178 12.95 42.24 -13.26
C MET B 178 12.62 40.85 -13.74
N LEU B 179 12.12 40.72 -14.98
CA LEU B 179 11.68 39.44 -15.56
C LEU B 179 12.85 38.53 -15.91
N TYR B 180 13.86 39.05 -16.59
CA TYR B 180 15.08 38.24 -16.84
C TYR B 180 15.70 37.58 -15.58
N PHE B 181 15.81 38.39 -14.51
CA PHE B 181 16.38 38.00 -13.24
C PHE B 181 15.56 36.84 -12.72
N GLN B 182 14.27 36.87 -13.08
CA GLN B 182 13.32 35.89 -12.61
C GLN B 182 13.40 34.61 -13.43
N LYS B 183 13.49 34.73 -14.75
CA LYS B 183 13.81 33.62 -15.63
C LYS B 183 15.08 32.89 -15.16
N ASP B 184 16.15 33.62 -14.86
CA ASP B 184 17.40 33.01 -14.43
C ASP B 184 17.22 32.24 -13.12
N SER B 185 16.68 32.89 -12.11
CA SER B 185 16.38 32.26 -10.84
C SER B 185 15.64 30.94 -10.99
N VAL B 186 14.59 30.93 -11.80
CA VAL B 186 13.68 29.81 -12.00
C VAL B 186 14.33 28.67 -12.79
N THR B 187 15.16 28.99 -13.78
CA THR B 187 15.83 27.93 -14.57
C THR B 187 16.94 27.24 -13.77
N GLN B 188 17.42 27.88 -12.69
CA GLN B 188 18.36 27.22 -11.80
C GLN B 188 17.63 26.23 -10.91
N VAL B 189 16.38 26.54 -10.56
CA VAL B 189 15.51 25.63 -9.81
C VAL B 189 15.15 24.45 -10.67
N GLN B 190 14.94 24.70 -11.96
CA GLN B 190 14.68 23.59 -12.85
C GLN B 190 15.91 22.73 -12.96
N LYS B 191 17.11 23.32 -13.00
CA LYS B 191 18.34 22.54 -13.15
C LYS B 191 18.50 21.68 -11.91
N ALA B 192 18.26 22.28 -10.76
CA ALA B 192 18.40 21.61 -9.48
C ALA B 192 17.60 20.34 -9.36
N ALA B 193 16.28 20.50 -9.56
CA ALA B 193 15.24 19.47 -9.39
C ALA B 193 15.53 18.37 -10.34
N MET B 194 15.86 18.72 -11.56
CA MET B 194 16.21 17.79 -12.57
C MET B 194 17.44 16.98 -12.17
N ALA B 195 18.31 17.60 -11.40
CA ALA B 195 19.52 16.92 -11.01
C ALA B 195 19.21 15.87 -9.98
N ILE B 196 18.26 16.13 -9.08
CA ILE B 196 17.87 15.17 -8.06
C ILE B 196 17.14 14.07 -8.77
N ASN B 197 16.30 14.45 -9.73
CA ASN B 197 15.51 13.49 -10.44
C ASN B 197 16.41 12.47 -11.12
N ALA B 198 17.55 12.93 -11.59
CA ALA B 198 18.48 12.06 -12.30
C ALA B 198 19.26 11.15 -11.35
N GLN B 199 19.75 11.70 -10.22
CA GLN B 199 20.49 10.95 -9.22
C GLN B 199 19.74 9.69 -8.93
N VAL B 200 18.50 9.90 -8.50
CA VAL B 200 17.62 8.86 -7.98
C VAL B 200 17.26 7.84 -9.04
N LEU B 201 16.94 8.29 -10.25
CA LEU B 201 16.78 7.35 -11.33
C LEU B 201 17.98 6.45 -11.49
N SER B 202 19.16 7.02 -11.34
CA SER B 202 20.37 6.25 -11.47
C SER B 202 20.61 5.25 -10.35
N GLU B 203 19.93 5.43 -9.20
CA GLU B 203 20.11 4.61 -8.01
C GLU B 203 18.90 3.61 -7.83
N MET B 204 18.08 3.49 -8.87
CA MET B 204 16.85 2.73 -8.86
C MET B 204 17.11 1.39 -9.60
N GLU B 205 16.43 0.30 -9.18
CA GLU B 205 16.69 -1.10 -9.66
C GLU B 205 16.41 -1.23 -11.12
N ILE B 206 17.14 -2.10 -11.80
CA ILE B 206 16.92 -2.35 -13.21
C ILE B 206 16.01 -3.55 -13.27
N PRO B 207 14.84 -3.36 -13.80
CA PRO B 207 13.76 -4.30 -13.79
C PRO B 207 13.91 -5.59 -14.57
N GLU B 208 13.68 -6.73 -13.90
CA GLU B 208 13.65 -8.00 -14.62
C GLU B 208 12.97 -7.85 -16.00
N SER B 209 11.83 -7.15 -16.07
CA SER B 209 11.25 -6.89 -17.39
C SER B 209 12.29 -6.41 -18.46
N TYR B 210 13.05 -5.35 -18.11
CA TYR B 210 14.02 -4.68 -19.01
C TYR B 210 15.12 -5.59 -19.46
N ILE B 211 15.75 -6.26 -18.50
CA ILE B 211 16.79 -7.22 -18.87
C ILE B 211 16.25 -8.24 -19.88
N ASP B 212 15.17 -8.94 -19.52
CA ASP B 212 14.64 -9.95 -20.41
C ASP B 212 14.66 -9.48 -21.86
N SER B 213 14.35 -8.21 -22.10
CA SER B 213 14.23 -7.72 -23.47
C SER B 213 15.55 -7.25 -24.10
N LEU B 214 16.66 -7.34 -23.37
CA LEU B 214 17.99 -6.95 -23.86
C LEU B 214 18.59 -7.95 -24.82
N PRO B 215 19.17 -7.45 -25.95
CA PRO B 215 19.83 -8.35 -26.95
C PRO B 215 20.98 -9.19 -26.37
N LYS B 216 21.50 -10.12 -27.18
CA LYS B 216 22.55 -11.02 -26.67
C LYS B 216 23.89 -10.26 -26.40
N ASN B 217 24.38 -9.53 -27.41
CA ASN B 217 25.73 -8.94 -27.45
C ASN B 217 25.68 -7.41 -27.44
N GLY B 218 26.72 -6.80 -26.88
CA GLY B 218 26.95 -5.35 -27.06
C GLY B 218 26.84 -4.98 -28.53
N ARG B 219 27.48 -5.76 -29.40
CA ARG B 219 27.33 -5.54 -30.85
C ARG B 219 25.85 -5.39 -31.32
N ALA B 220 24.95 -6.13 -30.68
CA ALA B 220 23.58 -6.15 -31.14
C ALA B 220 22.83 -4.91 -30.64
N SER B 221 23.05 -4.56 -29.37
CA SER B 221 22.51 -3.30 -28.83
C SER B 221 22.87 -2.11 -29.73
N LEU B 222 24.17 -1.83 -29.86
CA LEU B 222 24.63 -0.61 -30.50
C LEU B 222 24.44 -0.61 -32.00
N GLY B 223 24.69 -1.77 -32.60
CA GLY B 223 24.73 -1.89 -34.05
C GLY B 223 26.17 -1.96 -34.42
N ASP B 224 26.46 -2.68 -35.49
CA ASP B 224 27.83 -2.84 -35.97
C ASP B 224 28.60 -1.51 -36.14
N SER B 225 27.97 -0.51 -36.76
CA SER B 225 28.61 0.80 -37.03
C SER B 225 29.00 1.52 -35.76
N ILE B 226 28.02 1.64 -34.87
CA ILE B 226 28.25 2.33 -33.62
C ILE B 226 29.27 1.50 -32.85
N TYR B 227 29.22 0.19 -32.96
CA TYR B 227 30.17 -0.69 -32.23
C TYR B 227 31.62 -0.42 -32.64
N LYS B 228 31.84 -0.42 -33.96
CA LYS B 228 33.14 -0.11 -34.51
C LYS B 228 33.67 1.21 -33.92
N SER B 229 32.77 2.17 -33.69
CA SER B 229 33.14 3.52 -33.24
C SER B 229 33.68 3.59 -31.83
N ILE B 230 32.98 2.99 -30.88
CA ILE B 230 33.39 3.09 -29.48
C ILE B 230 34.42 2.03 -29.15
N THR B 231 35.01 1.47 -30.19
CA THR B 231 35.79 0.27 -30.01
C THR B 231 37.24 0.33 -30.58
N GLU B 232 37.49 1.33 -31.43
CA GLU B 232 38.80 1.54 -32.02
C GLU B 232 39.87 1.96 -31.01
N GLU B 233 41.12 2.05 -31.48
CA GLU B 233 42.24 2.55 -30.67
C GLU B 233 41.94 3.96 -30.14
N TRP B 234 41.91 4.95 -31.04
CA TRP B 234 41.45 6.35 -30.73
C TRP B 234 39.99 6.46 -30.17
N PHE B 235 39.67 7.40 -29.52
CA PHE B 235 38.29 7.66 -29.22
C PHE B 235 38.11 9.04 -28.60
N ASP B 236 37.53 10.09 -28.98
CA ASP B 236 37.24 11.32 -28.30
C ASP B 236 35.74 11.35 -28.42
N PRO B 237 35.04 11.30 -27.26
CA PRO B 237 33.59 11.14 -27.29
C PRO B 237 32.96 12.34 -27.98
N GLU B 238 33.68 13.46 -27.91
CA GLU B 238 33.26 14.71 -28.51
C GLU B 238 33.10 14.56 -30.03
N GLN B 239 34.13 14.02 -30.70
CA GLN B 239 34.07 13.78 -32.15
C GLN B 239 33.09 12.60 -32.46
N PHE B 240 33.09 11.57 -31.63
CA PHE B 240 32.13 10.47 -31.79
C PHE B 240 30.70 10.96 -32.07
N LEU B 241 30.20 11.86 -31.22
CA LEU B 241 28.86 12.47 -31.36
C LEU B 241 28.72 13.39 -32.53
N ALA B 242 29.81 14.08 -32.85
CA ALA B 242 29.82 15.03 -33.93
C ALA B 242 29.72 14.28 -35.25
N MET B 243 30.11 13.00 -35.22
CA MET B 243 30.03 12.12 -36.37
C MET B 243 28.66 11.51 -36.65
N LEU B 244 27.80 11.49 -35.64
CA LEU B 244 26.51 10.82 -35.75
C LEU B 244 25.44 11.77 -36.19
N ASP B 245 24.25 11.25 -36.35
CA ASP B 245 23.13 12.14 -36.60
C ASP B 245 22.33 12.47 -35.32
N MET B 246 22.50 13.68 -34.83
CA MET B 246 21.82 14.10 -33.61
C MET B 246 20.72 15.16 -33.84
N SER B 247 20.27 15.26 -35.09
CA SER B 247 19.44 16.36 -35.57
C SER B 247 18.08 16.55 -34.90
N THR B 248 17.44 15.47 -34.51
CA THR B 248 16.10 15.53 -33.88
C THR B 248 16.17 14.95 -32.49
N GLU B 249 15.18 15.27 -31.67
CA GLU B 249 15.10 14.69 -30.33
C GLU B 249 14.88 13.17 -30.36
N HIS B 250 14.15 12.64 -31.35
CA HIS B 250 13.95 11.19 -31.43
C HIS B 250 15.26 10.47 -31.72
N LYS B 251 16.10 11.04 -32.57
CA LYS B 251 17.33 10.34 -32.93
C LYS B 251 18.31 10.25 -31.79
N VAL B 252 18.34 11.30 -30.97
CA VAL B 252 19.24 11.41 -29.85
C VAL B 252 18.78 10.44 -28.77
N LEU B 253 17.48 10.34 -28.62
CA LEU B 253 16.91 9.48 -27.61
C LEU B 253 17.18 8.02 -27.96
N ASP B 254 17.10 7.70 -29.25
CA ASP B 254 17.40 6.34 -29.66
C ASP B 254 18.84 6.01 -29.39
N LEU B 255 19.77 6.91 -29.74
CA LEU B 255 21.17 6.68 -29.38
C LEU B 255 21.28 6.47 -27.87
N LYS B 256 20.72 7.38 -27.09
CA LYS B 256 20.79 7.22 -25.64
C LYS B 256 20.36 5.82 -25.25
N ASN B 257 19.31 5.31 -25.85
CA ASN B 257 18.84 3.98 -25.48
C ASN B 257 19.78 2.83 -25.82
N ARG B 258 20.38 2.88 -26.98
CA ARG B 258 21.26 1.81 -27.37
C ARG B 258 22.46 1.81 -26.47
N ILE B 259 22.89 2.99 -26.04
CA ILE B 259 24.05 3.12 -25.15
C ILE B 259 23.70 2.54 -23.78
N GLU B 260 22.59 3.03 -23.22
CA GLU B 260 22.16 2.54 -21.92
C GLU B 260 22.02 1.01 -21.87
N ALA B 261 21.43 0.42 -22.91
CA ALA B 261 21.28 -1.01 -22.97
C ALA B 261 22.62 -1.73 -22.90
N SER B 262 23.61 -1.20 -23.61
CA SER B 262 24.95 -1.80 -23.73
C SER B 262 25.69 -1.86 -22.40
N VAL B 263 25.62 -0.73 -21.70
CA VAL B 263 26.18 -0.59 -20.37
C VAL B 263 25.53 -1.59 -19.48
N VAL B 264 24.22 -1.81 -19.62
CA VAL B 264 23.58 -2.81 -18.78
C VAL B 264 24.16 -4.20 -19.06
N ILE B 265 24.34 -4.53 -20.34
CA ILE B 265 24.89 -5.83 -20.76
C ILE B 265 26.27 -6.05 -20.14
N TRP B 266 27.13 -5.04 -20.32
CA TRP B 266 28.51 -5.05 -19.83
C TRP B 266 28.61 -5.21 -18.30
N LYS B 267 27.96 -4.30 -17.59
CA LYS B 267 27.92 -4.40 -16.16
C LYS B 267 27.49 -5.82 -15.75
N ARG B 268 26.45 -6.38 -16.36
CA ARG B 268 26.03 -7.75 -16.01
C ARG B 268 27.08 -8.84 -16.16
N LYS B 269 27.81 -8.85 -17.28
CA LYS B 269 28.79 -9.95 -17.55
C LYS B 269 30.00 -10.01 -16.54
N SER B 284 39.47 -9.13 -25.31
CA SER B 284 38.02 -9.12 -25.02
C SER B 284 37.65 -8.86 -23.51
N LEU B 285 38.38 -9.57 -22.63
CA LEU B 285 38.11 -9.57 -21.17
C LEU B 285 38.31 -8.15 -20.53
N GLU B 286 39.59 -7.73 -20.57
CA GLU B 286 40.11 -6.47 -19.97
C GLU B 286 39.40 -5.25 -20.56
N LYS B 287 39.52 -5.14 -21.89
CA LYS B 287 39.09 -3.96 -22.66
C LYS B 287 37.55 -3.65 -22.68
N ARG B 288 36.72 -4.52 -22.10
CA ARG B 288 35.29 -4.20 -21.89
C ARG B 288 35.08 -3.18 -20.76
N GLU B 289 36.12 -3.00 -19.91
CA GLU B 289 36.12 -1.95 -18.87
C GLU B 289 36.15 -0.61 -19.58
N LEU B 290 37.11 -0.50 -20.52
CA LEU B 290 37.21 0.62 -21.44
C LEU B 290 35.88 0.90 -22.15
N PHE B 291 35.41 -0.01 -23.00
CA PHE B 291 34.16 0.26 -23.71
C PHE B 291 33.13 0.90 -22.76
N GLU B 292 32.88 0.22 -21.65
CA GLU B 292 32.00 0.72 -20.60
C GLU B 292 32.35 2.12 -20.06
N GLU B 293 33.63 2.35 -19.75
CA GLU B 293 34.12 3.70 -19.40
C GLU B 293 33.62 4.72 -20.44
N ARG B 294 33.96 4.48 -21.71
CA ARG B 294 33.55 5.33 -22.83
C ARG B 294 32.02 5.53 -22.95
N ALA B 295 31.28 4.43 -22.91
CA ALA B 295 29.84 4.47 -23.03
C ALA B 295 29.29 5.38 -21.96
N GLU B 296 29.63 5.14 -20.70
CA GLU B 296 29.25 6.10 -19.62
C GLU B 296 29.76 7.57 -19.86
N THR B 297 30.92 7.75 -20.49
CA THR B 297 31.37 9.08 -20.87
C THR B 297 30.45 9.79 -21.84
N ILE B 298 29.88 9.03 -22.78
CA ILE B 298 28.99 9.52 -23.86
C ILE B 298 27.59 9.87 -23.30
N LEU B 299 27.16 9.11 -22.28
CA LEU B 299 25.93 9.43 -21.58
C LEU B 299 26.09 10.72 -20.80
N VAL B 300 27.25 10.92 -20.21
CA VAL B 300 27.49 12.17 -19.49
C VAL B 300 27.36 13.39 -20.45
N LEU B 301 28.02 13.28 -21.61
CA LEU B 301 27.91 14.27 -22.68
C LEU B 301 26.51 14.49 -23.15
N LEU B 302 25.69 13.45 -23.20
CA LEU B 302 24.38 13.65 -23.71
C LEU B 302 23.59 14.54 -22.79
N LYS B 303 23.62 14.30 -21.47
CA LYS B 303 23.04 15.24 -20.47
C LYS B 303 23.61 16.67 -20.70
N GLN B 304 24.94 16.81 -20.87
CA GLN B 304 25.50 18.13 -21.13
C GLN B 304 24.86 18.76 -22.37
N LYS B 305 24.98 18.13 -23.56
CA LYS B 305 24.48 18.69 -24.83
C LYS B 305 22.96 18.81 -24.97
N PHE B 306 22.23 17.92 -24.32
CA PHE B 306 20.79 17.77 -24.56
C PHE B 306 20.06 17.76 -23.28
N PRO B 307 20.12 18.92 -22.57
CA PRO B 307 19.74 18.96 -21.16
C PRO B 307 18.35 18.52 -20.94
N GLY B 308 17.39 18.92 -21.78
CA GLY B 308 16.00 18.51 -21.53
C GLY B 308 15.39 17.33 -22.26
N LEU B 309 16.10 16.23 -22.41
CA LEU B 309 15.59 15.13 -23.22
C LEU B 309 14.46 14.48 -22.46
N PRO B 310 13.44 13.91 -23.15
CA PRO B 310 12.47 13.08 -22.44
C PRO B 310 13.16 11.89 -21.81
N GLN B 311 12.42 11.21 -20.91
CA GLN B 311 12.85 9.95 -20.32
C GLN B 311 13.27 8.94 -21.33
N SER B 312 14.31 8.17 -20.99
CA SER B 312 14.76 7.08 -21.86
C SER B 312 13.94 5.88 -21.54
N SER B 313 14.17 4.78 -22.27
CA SER B 313 13.40 3.52 -22.06
C SER B 313 13.65 2.86 -20.71
N LEU B 314 14.92 2.82 -20.31
CA LEU B 314 15.32 2.28 -19.04
C LEU B 314 14.85 3.17 -17.92
N ASP B 315 14.60 4.47 -18.18
CA ASP B 315 14.01 5.35 -17.15
C ASP B 315 12.56 4.98 -16.97
N ILE B 316 11.80 4.94 -18.06
CA ILE B 316 10.40 4.55 -18.01
C ILE B 316 10.22 3.25 -17.23
N SER B 317 10.97 2.22 -17.63
CA SER B 317 10.88 0.89 -17.03
C SER B 317 11.20 0.93 -15.53
N LYS B 318 12.30 1.59 -15.15
CA LYS B 318 12.64 1.77 -13.71
C LYS B 318 11.48 2.26 -12.92
N ILE B 319 10.74 3.21 -13.50
CA ILE B 319 9.60 3.81 -12.86
C ILE B 319 8.41 2.88 -12.86
N GLN B 320 8.04 2.34 -14.01
CA GLN B 320 6.97 1.38 -14.12
C GLN B 320 7.08 0.27 -13.12
N PHE B 321 8.25 -0.29 -12.90
CA PHE B 321 8.39 -1.51 -12.07
C PHE B 321 9.07 -1.30 -10.69
N ASN B 322 9.32 -0.03 -10.32
CA ASN B 322 9.95 0.30 -9.03
C ASN B 322 9.06 0.06 -7.84
N LYS B 323 9.62 -0.52 -6.79
CA LYS B 323 8.86 -0.87 -5.60
C LYS B 323 9.26 -0.12 -4.35
N ASP B 324 10.21 0.81 -4.48
CA ASP B 324 10.70 1.51 -3.33
C ASP B 324 9.90 2.79 -3.13
N VAL B 325 9.05 2.79 -2.10
CA VAL B 325 8.28 3.97 -1.80
C VAL B 325 9.12 5.27 -1.75
N GLY B 326 10.25 5.21 -1.10
CA GLY B 326 11.18 6.31 -0.93
C GLY B 326 11.63 6.91 -2.23
N GLN B 327 12.11 6.09 -3.16
CA GLN B 327 12.49 6.56 -4.47
C GLN B 327 11.29 7.07 -5.28
N ALA B 328 10.19 6.32 -5.35
CA ALA B 328 8.94 6.83 -5.94
C ALA B 328 8.65 8.27 -5.52
N VAL B 329 8.65 8.57 -4.23
CA VAL B 329 8.38 9.93 -3.82
C VAL B 329 9.49 10.87 -4.34
N LEU B 330 10.75 10.51 -4.11
CA LEU B 330 11.86 11.34 -4.64
C LEU B 330 11.78 11.53 -6.12
N GLU B 331 11.54 10.47 -6.89
CA GLU B 331 11.64 10.59 -8.34
C GLU B 331 10.57 11.53 -8.85
N SER B 332 9.35 11.30 -8.40
CA SER B 332 8.19 12.01 -8.94
C SER B 332 8.03 13.41 -8.36
N TYR B 333 8.49 13.64 -7.14
CA TYR B 333 8.42 14.99 -6.60
C TYR B 333 9.36 15.90 -7.40
N SER B 334 10.56 15.43 -7.62
CA SER B 334 11.49 16.16 -8.37
C SER B 334 10.93 16.36 -9.77
N ARG B 335 10.24 15.36 -10.29
CA ARG B 335 9.70 15.48 -11.64
C ARG B 335 8.62 16.59 -11.71
N ILE B 336 7.75 16.72 -10.71
CA ILE B 336 6.72 17.72 -10.85
C ILE B 336 7.31 19.12 -10.67
N LEU B 337 8.33 19.22 -9.83
CA LEU B 337 8.99 20.46 -9.54
C LEU B 337 9.74 20.98 -10.75
N GLU B 338 10.48 20.07 -11.39
CA GLU B 338 11.09 20.31 -12.66
C GLU B 338 10.11 20.93 -13.63
N SER B 339 8.91 20.39 -13.63
CA SER B 339 7.86 20.81 -14.52
C SER B 339 7.25 22.15 -14.18
N LEU B 340 6.92 22.34 -12.90
CA LEU B 340 6.38 23.61 -12.48
C LEU B 340 7.37 24.70 -12.87
N ALA B 341 8.64 24.51 -12.52
CA ALA B 341 9.68 25.47 -12.86
C ALA B 341 9.65 25.73 -14.35
N TYR B 342 9.72 24.66 -15.17
CA TYR B 342 9.68 24.85 -16.61
C TYR B 342 8.43 25.58 -17.06
N THR B 343 7.28 25.36 -16.41
CA THR B 343 6.03 26.05 -16.81
C THR B 343 6.09 27.55 -16.62
N VAL B 344 6.79 27.97 -15.57
CA VAL B 344 6.90 29.35 -15.18
C VAL B 344 7.87 30.06 -16.08
N MET B 345 8.94 29.41 -16.50
CA MET B 345 9.83 30.05 -17.43
C MET B 345 9.04 30.17 -18.70
N SER B 346 8.28 29.16 -19.04
CA SER B 346 7.51 29.24 -20.24
C SER B 346 6.63 30.46 -20.27
N ARG B 347 6.11 30.87 -19.12
CA ARG B 347 5.36 32.13 -19.05
C ARG B 347 6.25 33.34 -19.21
N ILE B 348 7.27 33.46 -18.39
CA ILE B 348 8.20 34.57 -18.53
C ILE B 348 8.61 34.69 -20.00
N GLU B 349 8.98 33.58 -20.64
CA GLU B 349 9.37 33.67 -22.07
C GLU B 349 8.24 34.19 -22.99
N ASP B 350 6.96 33.96 -22.61
CA ASP B 350 5.83 34.41 -23.42
C ASP B 350 5.74 35.91 -23.47
N VAL B 351 5.90 36.56 -22.30
CA VAL B 351 5.83 38.02 -22.25
C VAL B 351 7.06 38.52 -22.95
N LEU B 352 8.22 38.02 -22.57
CA LEU B 352 9.48 38.44 -23.19
C LEU B 352 9.44 38.41 -24.73
N TYR B 353 8.84 37.35 -25.26
CA TYR B 353 8.68 37.21 -26.69
C TYR B 353 7.71 38.23 -27.26
N THR B 354 6.56 38.49 -26.63
CA THR B 354 5.60 39.42 -27.28
C THR B 354 6.09 40.88 -27.20
N ASP B 355 6.92 41.13 -26.18
CA ASP B 355 7.63 42.36 -25.93
C ASP B 355 8.64 42.67 -27.06
N THR B 356 9.20 41.59 -27.59
CA THR B 356 10.13 41.66 -28.69
C THR B 356 9.33 42.02 -29.90
N LEU B 357 8.20 41.33 -30.10
CA LEU B 357 7.27 41.62 -31.21
C LEU B 357 6.76 43.11 -31.15
N ALA B 358 6.62 43.59 -29.91
CA ALA B 358 6.19 44.98 -29.63
C ALA B 358 7.23 45.98 -30.06
N LEU B 359 8.51 45.65 -29.86
CA LEU B 359 9.62 46.52 -30.24
C LEU B 359 9.77 46.62 -31.80
N LYS B 360 9.88 45.43 -32.44
CA LYS B 360 9.89 45.29 -33.92
C LYS B 360 8.72 46.05 -34.61
N GLN B 361 7.49 45.56 -34.34
CA GLN B 361 6.25 46.16 -34.90
C GLN B 361 6.19 47.66 -34.59
N THR B 362 6.90 48.09 -33.54
CA THR B 362 7.09 49.51 -33.25
C THR B 362 8.38 50.12 -33.90
N LEU B 363 8.89 49.48 -34.97
CA LEU B 363 10.12 49.96 -35.65
C LEU B 363 10.08 49.90 -37.22
N LEU B 364 8.90 49.69 -37.80
CA LEU B 364 8.88 49.41 -39.26
C LEU B 364 7.69 50.32 -40.03
N SER C 4 21.37 -11.08 -0.26
CA SER C 4 20.59 -10.76 0.99
C SER C 4 19.39 -11.73 1.36
N ARG C 5 19.61 -12.49 2.44
CA ARG C 5 18.61 -13.36 3.11
C ARG C 5 17.51 -12.60 3.82
N PHE C 6 16.47 -13.33 4.18
CA PHE C 6 15.39 -12.83 5.04
C PHE C 6 15.34 -13.65 6.31
N ILE C 7 15.10 -13.01 7.44
CA ILE C 7 14.96 -13.75 8.68
C ILE C 7 13.61 -13.40 9.23
N LYS C 8 12.76 -14.38 9.46
CA LYS C 8 11.52 -14.14 10.15
C LYS C 8 11.74 -14.62 11.55
N CYS C 9 11.56 -13.73 12.51
CA CYS C 9 11.90 -14.02 13.86
C CYS C 9 10.69 -13.76 14.72
N VAL C 10 10.10 -14.84 15.23
CA VAL C 10 8.88 -14.77 16.04
C VAL C 10 9.20 -14.86 17.52
N THR C 11 8.62 -14.00 18.34
CA THR C 11 8.87 -14.09 19.74
C THR C 11 7.71 -14.80 20.36
N VAL C 12 7.90 -15.94 21.03
CA VAL C 12 6.77 -16.52 21.71
C VAL C 12 7.00 -16.43 23.22
N GLY C 13 5.99 -16.68 24.06
CA GLY C 13 6.18 -16.78 25.51
C GLY C 13 4.83 -16.72 26.21
N ASP C 14 4.76 -16.91 27.55
CA ASP C 14 3.44 -16.64 28.23
C ASP C 14 3.02 -15.15 28.09
N GLY C 15 1.81 -14.85 28.56
CA GLY C 15 1.34 -13.48 28.73
C GLY C 15 2.07 -12.86 29.92
N ALA C 16 2.12 -11.54 29.92
CA ALA C 16 2.73 -10.76 30.99
C ALA C 16 4.23 -10.86 31.15
N VAL C 17 4.87 -11.73 30.38
CA VAL C 17 6.30 -11.95 30.51
C VAL C 17 7.09 -10.84 29.83
N GLY C 18 6.41 -10.06 29.00
CA GLY C 18 6.91 -8.76 28.58
C GLY C 18 7.62 -8.81 27.25
N LYS C 19 7.34 -9.18 26.13
CA LYS C 19 7.95 -9.34 24.82
C LYS C 19 7.62 -8.14 23.92
N THR C 20 6.07 -7.88 24.21
CA THR C 20 5.66 -6.70 23.48
C THR C 20 6.50 -5.48 23.87
N CYS C 21 7.14 -5.57 25.03
CA CYS C 21 8.10 -4.56 25.45
C CYS C 21 9.52 -4.77 24.99
N MET C 22 10.02 -5.98 25.14
CA MET C 22 11.31 -6.25 24.60
C MET C 22 11.32 -5.83 23.10
N LEU C 23 10.31 -6.25 22.31
CA LEU C 23 10.26 -5.90 20.89
C LEU C 23 10.17 -4.40 20.69
N ILE C 24 9.27 -3.76 21.43
CA ILE C 24 9.16 -2.30 21.31
C ILE C 24 10.47 -1.58 21.66
N SER C 25 11.18 -2.07 22.67
CA SER C 25 12.36 -1.40 23.18
C SER C 25 13.53 -1.58 22.23
N TYR C 26 13.67 -2.77 21.67
CA TYR C 26 14.72 -3.05 20.70
C TYR C 26 14.65 -2.08 19.54
N THR C 27 13.43 -1.78 19.16
CA THR C 27 13.09 -1.29 17.86
C THR C 27 13.04 0.19 17.89
N SER C 28 12.87 0.74 19.07
CA SER C 28 12.61 2.16 19.21
C SER C 28 13.33 2.83 20.38
N ASN C 29 13.74 2.03 21.35
CA ASN C 29 14.45 2.55 22.50
C ASN C 29 13.53 3.36 23.41
N THR C 30 12.35 2.81 23.66
CA THR C 30 11.36 3.42 24.52
C THR C 30 10.86 2.43 25.56
N PHE C 31 9.86 2.81 26.32
CA PHE C 31 9.27 1.92 27.30
C PHE C 31 8.08 2.57 27.98
N PRO C 32 6.93 1.92 27.90
CA PRO C 32 5.65 2.62 27.87
C PRO C 32 5.15 3.03 29.24
N THR C 33 3.88 2.77 29.52
CA THR C 33 2.86 3.80 29.49
C THR C 33 3.34 5.09 30.13
N PRO C 37 -2.48 2.86 25.09
CA PRO C 37 -2.34 1.40 24.84
C PRO C 37 -0.88 0.98 24.45
N THR C 38 -0.61 -0.28 24.10
CA THR C 38 0.79 -0.70 23.86
C THR C 38 0.98 -1.67 22.66
N VAL C 39 1.33 -1.13 21.47
CA VAL C 39 1.34 -1.98 20.25
C VAL C 39 2.65 -2.12 19.54
N PHE C 40 2.97 -3.35 19.14
CA PHE C 40 4.06 -3.57 18.22
C PHE C 40 3.57 -4.12 16.89
N ASP C 41 3.27 -3.23 15.92
CA ASP C 41 2.92 -3.69 14.57
C ASP C 41 4.12 -4.42 13.99
N ASN C 42 3.84 -5.37 13.12
CA ASN C 42 4.85 -6.13 12.42
C ASN C 42 5.84 -5.22 11.78
N PHE C 43 7.11 -5.50 12.01
CA PHE C 43 8.17 -4.58 11.65
C PHE C 43 9.28 -5.35 10.94
N SER C 44 9.73 -4.81 9.82
CA SER C 44 10.80 -5.39 9.07
C SER C 44 11.77 -4.27 8.76
N ALA C 45 13.06 -4.56 8.67
CA ALA C 45 14.04 -3.51 8.36
C ALA C 45 15.35 -4.13 7.96
N ASN C 46 16.16 -3.39 7.21
CA ASN C 46 17.47 -3.93 6.80
C ASN C 46 18.52 -3.75 7.84
N VAL C 47 19.19 -4.85 8.15
CA VAL C 47 20.35 -4.76 9.03
C VAL C 47 21.61 -5.37 8.42
N VAL C 48 22.74 -4.71 8.62
CA VAL C 48 24.02 -5.25 8.25
C VAL C 48 24.59 -6.13 9.33
N VAL C 49 24.76 -7.42 9.07
CA VAL C 49 25.57 -8.24 9.93
C VAL C 49 26.85 -8.58 9.20
N ASP C 50 27.98 -8.34 9.88
CA ASP C 50 29.34 -8.67 9.35
C ASP C 50 29.41 -8.56 7.83
N GLY C 51 29.27 -7.32 7.35
CA GLY C 51 29.38 -7.03 5.93
C GLY C 51 28.20 -7.34 5.02
N ASN C 52 27.52 -8.45 5.24
CA ASN C 52 26.44 -8.78 4.31
C ASN C 52 25.10 -8.31 4.84
N THR C 53 24.18 -7.84 3.98
CA THR C 53 22.99 -7.13 4.50
C THR C 53 21.78 -8.06 4.59
N VAL C 54 20.92 -7.89 5.59
CA VAL C 54 19.92 -8.93 5.92
C VAL C 54 18.60 -8.35 6.25
N ASN C 55 17.55 -8.88 5.64
CA ASN C 55 16.25 -8.32 5.91
C ASN C 55 15.52 -9.03 7.06
N LEU C 56 15.45 -8.35 8.21
CA LEU C 56 14.99 -8.97 9.45
C LEU C 56 13.54 -8.64 9.70
N GLY C 57 12.71 -9.65 9.98
CA GLY C 57 11.30 -9.43 10.28
C GLY C 57 10.96 -9.80 11.72
N LEU C 58 10.38 -8.87 12.45
CA LEU C 58 10.13 -9.04 13.88
C LEU C 58 8.65 -9.25 14.06
N TRP C 59 8.29 -10.28 14.83
CA TRP C 59 6.89 -10.74 14.98
C TRP C 59 6.56 -10.91 16.42
N ASP C 60 5.50 -10.25 16.87
CA ASP C 60 5.00 -10.42 18.23
C ASP C 60 3.84 -11.36 18.20
N THR C 61 3.61 -12.07 19.31
CA THR C 61 2.50 -13.01 19.40
C THR C 61 1.55 -12.63 20.50
N ALA C 62 1.81 -11.50 21.16
CA ALA C 62 0.91 -10.99 22.19
C ALA C 62 -0.53 -11.37 21.90
N GLY C 63 -1.17 -12.05 22.84
CA GLY C 63 -2.62 -12.12 22.89
C GLY C 63 -3.14 -13.50 22.52
N GLN C 64 -2.32 -14.28 21.83
CA GLN C 64 -2.71 -15.62 21.41
C GLN C 64 -2.51 -16.64 22.53
N GLU C 65 -2.25 -16.14 23.70
CA GLU C 65 -2.22 -16.98 24.86
C GLU C 65 -3.63 -17.28 25.28
N ASP C 66 -4.59 -16.67 24.63
CA ASP C 66 -5.98 -16.64 25.08
C ASP C 66 -6.89 -17.35 24.09
N TYR C 67 -6.49 -17.37 22.82
CA TYR C 67 -7.34 -17.86 21.76
C TYR C 67 -6.42 -18.43 20.70
N ASN C 68 -6.61 -19.71 20.41
CA ASN C 68 -5.65 -20.41 19.57
C ASN C 68 -5.73 -19.89 18.14
N ARG C 69 -6.93 -19.46 17.74
CA ARG C 69 -7.18 -19.02 16.40
C ARG C 69 -6.89 -17.56 16.12
N LEU C 70 -6.30 -16.83 17.06
CA LEU C 70 -6.09 -15.37 16.91
C LEU C 70 -5.05 -15.01 15.90
N ARG C 71 -3.89 -15.64 15.98
CA ARG C 71 -2.93 -15.39 14.95
C ARG C 71 -2.40 -16.64 14.31
N PRO C 72 -3.05 -17.09 13.20
CA PRO C 72 -2.68 -18.20 12.37
C PRO C 72 -1.35 -18.04 11.67
N LEU C 73 -0.80 -16.83 11.67
CA LEU C 73 0.40 -16.57 10.88
C LEU C 73 1.72 -16.67 11.66
N SER C 74 1.65 -16.80 12.97
CA SER C 74 2.84 -16.80 13.80
C SER C 74 3.88 -17.85 13.45
N TYR C 75 3.51 -19.12 13.29
CA TYR C 75 4.50 -20.20 13.08
C TYR C 75 4.93 -20.44 11.66
N ARG C 76 4.08 -20.11 10.68
CA ARG C 76 4.34 -20.34 9.23
C ARG C 76 5.71 -19.80 8.81
N GLY C 77 6.55 -20.67 8.29
CA GLY C 77 7.87 -20.28 7.80
C GLY C 77 8.85 -19.53 8.69
N ALA C 78 8.83 -19.78 9.99
CA ALA C 78 9.65 -18.99 10.91
C ALA C 78 11.08 -19.46 10.92
N ASP C 79 12.02 -18.52 10.89
CA ASP C 79 13.44 -18.82 10.84
C ASP C 79 14.10 -19.06 12.20
N VAL C 80 13.59 -18.40 13.24
CA VAL C 80 14.06 -18.56 14.62
C VAL C 80 13.01 -18.14 15.67
N PHE C 81 12.91 -18.82 16.83
CA PHE C 81 12.07 -18.25 17.91
C PHE C 81 12.83 -17.55 19.02
N ILE C 82 12.25 -16.52 19.60
CA ILE C 82 12.67 -16.05 20.91
C ILE C 82 11.61 -16.50 21.88
N LEU C 83 12.04 -17.34 22.82
CA LEU C 83 11.11 -17.90 23.80
C LEU C 83 11.38 -17.23 25.15
N ALA C 84 10.47 -16.39 25.57
CA ALA C 84 10.67 -15.63 26.76
C ALA C 84 9.89 -16.18 27.94
N PHE C 85 10.48 -16.16 29.13
CA PHE C 85 9.74 -16.39 30.38
C PHE C 85 10.11 -15.22 31.27
N SER C 86 9.31 -14.88 32.29
CA SER C 86 9.60 -13.74 33.21
C SER C 86 10.42 -14.20 34.38
N LEU C 87 11.53 -13.53 34.64
CA LEU C 87 12.43 -13.99 35.68
C LEU C 87 11.82 -13.85 37.06
N ILE C 88 10.70 -13.17 37.19
CA ILE C 88 10.03 -13.15 38.48
C ILE C 88 8.81 -14.05 38.53
N SER C 89 8.73 -15.05 37.66
CA SER C 89 7.57 -15.94 37.60
C SER C 89 7.89 -17.43 37.44
N LYS C 90 7.80 -18.18 38.54
CA LYS C 90 8.12 -19.59 38.50
C LYS C 90 7.14 -20.29 37.55
N ALA C 91 5.94 -19.74 37.41
CA ALA C 91 4.97 -20.36 36.49
C ALA C 91 5.42 -20.29 35.02
N SER C 92 5.90 -19.15 34.58
CA SER C 92 6.33 -19.10 33.19
C SER C 92 7.55 -20.02 32.98
N TYR C 93 8.43 -20.09 33.98
CA TYR C 93 9.56 -21.01 33.97
C TYR C 93 9.14 -22.47 33.75
N GLU C 94 8.10 -22.89 34.44
CA GLU C 94 7.64 -24.26 34.32
C GLU C 94 6.94 -24.51 32.98
N ASN C 95 6.33 -23.48 32.42
CA ASN C 95 5.60 -23.63 31.20
C ASN C 95 6.47 -23.75 29.97
N VAL C 96 7.66 -23.16 29.96
CA VAL C 96 8.56 -23.36 28.83
C VAL C 96 8.60 -24.83 28.47
N ALA C 97 8.91 -25.62 29.49
CA ALA C 97 8.99 -27.07 29.40
C ALA C 97 7.63 -27.65 29.10
N LYS C 98 6.62 -27.39 29.95
CA LYS C 98 5.33 -28.08 29.91
C LYS C 98 4.46 -27.69 28.73
N LYS C 99 4.58 -26.45 28.27
CA LYS C 99 3.71 -25.88 27.25
C LYS C 99 4.36 -25.37 25.92
N TRP C 100 5.45 -24.60 25.98
CA TRP C 100 6.03 -24.02 24.76
C TRP C 100 6.84 -24.92 23.84
N ILE C 101 7.74 -25.71 24.43
CA ILE C 101 8.50 -26.70 23.68
C ILE C 101 7.61 -27.66 22.85
N PRO C 102 6.55 -28.31 23.45
CA PRO C 102 5.63 -29.05 22.58
C PRO C 102 4.98 -28.27 21.47
N GLU C 103 4.66 -26.99 21.69
CA GLU C 103 4.05 -26.15 20.65
C GLU C 103 5.00 -25.97 19.49
N LEU C 104 6.26 -25.65 19.79
CA LEU C 104 7.23 -25.43 18.74
C LEU C 104 7.70 -26.73 18.08
N ARG C 105 7.87 -27.79 18.87
CA ARG C 105 8.22 -29.10 18.32
C ARG C 105 7.22 -29.49 17.25
N HIS C 106 5.96 -29.15 17.50
CA HIS C 106 4.90 -29.51 16.59
C HIS C 106 4.80 -28.61 15.40
N TYR C 107 4.58 -27.31 15.65
CA TYR C 107 4.29 -26.33 14.58
C TYR C 107 5.48 -25.98 13.71
N ALA C 108 6.65 -25.84 14.29
CA ALA C 108 7.82 -25.59 13.46
C ALA C 108 8.97 -26.42 13.95
N PRO C 109 8.99 -27.73 13.61
CA PRO C 109 10.06 -28.55 14.11
C PRO C 109 11.41 -28.06 13.57
N GLY C 110 12.48 -28.39 14.29
CA GLY C 110 13.84 -28.04 13.86
C GLY C 110 14.21 -26.56 13.67
N VAL C 111 13.38 -25.66 14.19
CA VAL C 111 13.68 -24.24 14.06
C VAL C 111 14.35 -23.76 15.35
N PRO C 112 15.55 -23.11 15.25
CA PRO C 112 16.31 -22.71 16.46
C PRO C 112 15.49 -21.95 17.50
N ILE C 113 15.80 -22.14 18.80
CA ILE C 113 15.22 -21.28 19.85
C ILE C 113 16.24 -20.50 20.70
N ILE C 114 16.17 -19.18 20.66
CA ILE C 114 16.83 -18.40 21.70
C ILE C 114 15.96 -18.32 22.97
N LEU C 115 16.55 -18.72 24.09
CA LEU C 115 15.83 -18.74 25.36
C LEU C 115 16.13 -17.46 26.03
N VAL C 116 15.10 -16.75 26.48
CA VAL C 116 15.30 -15.45 27.12
C VAL C 116 14.46 -15.26 28.38
N GLY C 117 15.12 -14.83 29.45
CA GLY C 117 14.41 -14.45 30.66
C GLY C 117 14.31 -12.95 30.73
N THR C 118 13.11 -12.47 31.04
CA THR C 118 12.83 -11.05 31.05
C THR C 118 12.69 -10.46 32.45
N LYS C 119 12.80 -9.15 32.52
CA LYS C 119 12.61 -8.37 33.73
C LYS C 119 13.81 -8.54 34.64
N LEU C 120 14.95 -8.61 33.98
CA LEU C 120 16.22 -8.67 34.68
C LEU C 120 16.25 -7.73 35.86
N ASP C 121 15.60 -6.60 35.77
CA ASP C 121 15.88 -5.56 36.71
C ASP C 121 15.12 -5.74 38.01
N LEU C 122 14.20 -6.70 38.04
CA LEU C 122 13.43 -6.93 39.24
C LEU C 122 14.02 -8.07 40.04
N ARG C 123 14.90 -8.87 39.45
CA ARG C 123 15.24 -10.17 40.02
C ARG C 123 16.08 -10.16 41.30
N ASP C 124 16.91 -9.17 41.55
CA ASP C 124 17.40 -9.11 42.93
C ASP C 124 16.93 -7.77 43.56
N ASP C 125 15.61 -7.52 43.47
CA ASP C 125 14.97 -6.39 44.12
C ASP C 125 14.32 -6.93 45.38
N LYS C 126 15.10 -6.99 46.46
CA LYS C 126 14.56 -7.52 47.70
C LYS C 126 13.13 -6.92 47.96
N GLN C 127 12.97 -5.60 47.75
CA GLN C 127 11.75 -4.86 48.12
C GLN C 127 10.55 -5.38 47.39
N PHE C 128 10.71 -5.46 46.07
CA PHE C 128 9.68 -6.00 45.19
C PHE C 128 9.02 -7.33 45.65
N PHE C 129 9.77 -8.22 46.29
CA PHE C 129 9.22 -9.54 46.58
C PHE C 129 8.47 -9.65 47.89
N ILE C 130 8.94 -8.95 48.92
CA ILE C 130 8.15 -8.79 50.14
C ILE C 130 6.82 -8.16 49.70
N ASP C 131 6.89 -7.23 48.74
CA ASP C 131 5.75 -6.43 48.26
C ASP C 131 4.76 -7.15 47.31
N HIS C 132 5.23 -8.23 46.70
CA HIS C 132 4.43 -9.03 45.79
C HIS C 132 4.62 -10.51 46.10
N PRO C 133 4.15 -10.93 47.26
CA PRO C 133 4.61 -12.19 47.88
C PRO C 133 4.64 -13.39 46.95
N GLY C 134 3.85 -13.35 45.89
CA GLY C 134 3.70 -14.48 44.99
C GLY C 134 4.73 -14.69 43.91
N ALA C 135 5.57 -13.70 43.65
CA ALA C 135 6.55 -13.93 42.62
C ALA C 135 7.72 -14.64 43.29
N VAL C 136 8.59 -15.22 42.45
CA VAL C 136 9.74 -16.01 42.88
C VAL C 136 10.89 -15.79 41.91
N PRO C 137 12.07 -15.35 42.40
CA PRO C 137 13.05 -14.99 41.37
C PRO C 137 13.67 -16.26 40.75
N ILE C 138 13.80 -16.30 39.44
CA ILE C 138 14.55 -17.37 38.77
C ILE C 138 16.01 -16.94 38.70
N THR C 139 16.91 -17.82 39.12
CA THR C 139 18.32 -17.50 39.09
C THR C 139 18.96 -17.90 37.74
N THR C 140 19.99 -17.14 37.36
CA THR C 140 20.71 -17.33 36.09
C THR C 140 21.13 -18.77 35.90
N ASN C 141 21.39 -19.47 37.00
CA ASN C 141 21.72 -20.88 36.91
C ASN C 141 20.57 -21.66 36.41
N GLN C 142 19.39 -21.39 36.97
CA GLN C 142 18.19 -22.12 36.61
C GLN C 142 17.87 -21.85 35.14
N GLY C 143 18.25 -20.68 34.64
CA GLY C 143 18.05 -20.40 33.25
C GLY C 143 18.98 -21.28 32.46
N GLU C 144 20.25 -21.26 32.84
CA GLU C 144 21.26 -22.02 32.14
C GLU C 144 20.79 -23.44 32.09
N GLU C 145 20.37 -23.94 33.25
CA GLU C 145 19.97 -25.33 33.38
C GLU C 145 18.85 -25.66 32.42
N LEU C 146 17.84 -24.78 32.39
CA LEU C 146 16.68 -24.88 31.51
C LEU C 146 17.10 -24.85 30.06
N LYS C 147 17.99 -23.91 29.72
CA LYS C 147 18.50 -23.78 28.36
C LYS C 147 19.05 -25.11 27.83
N LYS C 148 19.99 -25.73 28.56
CA LYS C 148 20.45 -27.09 28.25
C LYS C 148 19.28 -28.05 28.10
N LEU C 149 18.37 -28.05 29.07
CA LEU C 149 17.26 -28.98 29.07
C LEU C 149 16.43 -28.95 27.80
N ILE C 150 16.08 -27.76 27.34
CA ILE C 150 15.31 -27.68 26.10
C ILE C 150 16.22 -27.72 24.90
N GLY C 151 17.51 -27.86 25.14
CA GLY C 151 18.45 -28.03 24.04
C GLY C 151 18.60 -26.85 23.11
N SER C 152 18.29 -25.66 23.61
CA SER C 152 18.50 -24.42 22.89
C SER C 152 19.96 -23.98 22.95
N PRO C 153 20.45 -23.30 21.89
CA PRO C 153 21.85 -22.90 21.75
C PRO C 153 22.33 -21.86 22.75
N ILE C 154 21.48 -20.88 23.10
CA ILE C 154 21.94 -19.77 23.98
C ILE C 154 20.84 -19.14 24.85
N TYR C 155 21.19 -18.82 26.10
CA TYR C 155 20.27 -18.18 27.07
C TYR C 155 20.70 -16.75 27.47
N ILE C 156 19.86 -15.77 27.19
CA ILE C 156 20.19 -14.41 27.56
C ILE C 156 19.20 -13.85 28.56
N GLU C 157 19.66 -13.12 29.58
CA GLU C 157 18.70 -12.45 30.46
C GLU C 157 18.70 -11.02 30.06
N CYS C 158 17.55 -10.35 30.07
CA CYS C 158 17.49 -8.97 29.60
C CYS C 158 16.36 -8.22 30.26
N SER C 159 16.30 -6.91 30.00
CA SER C 159 15.32 -6.06 30.65
C SER C 159 15.00 -4.96 29.72
N SER C 160 13.76 -4.83 29.33
CA SER C 160 13.45 -3.73 28.50
C SER C 160 13.45 -2.42 29.25
N LYS C 161 13.34 -2.41 30.58
CA LYS C 161 13.42 -1.10 31.30
C LYS C 161 14.80 -0.51 31.18
N THR C 162 15.83 -1.31 31.33
CA THR C 162 17.17 -0.78 31.32
C THR C 162 17.77 -0.90 29.95
N GLN C 163 17.15 -1.75 29.13
CA GLN C 163 17.65 -2.11 27.80
C GLN C 163 18.83 -3.09 27.79
N GLN C 164 19.19 -3.57 28.97
CA GLN C 164 20.29 -4.48 29.16
C GLN C 164 20.14 -5.76 28.42
N ASN C 165 21.06 -6.03 27.52
CA ASN C 165 21.08 -7.26 26.78
C ASN C 165 19.99 -7.35 25.74
N VAL C 166 19.20 -6.30 25.57
CA VAL C 166 18.10 -6.47 24.60
C VAL C 166 18.68 -6.75 23.19
N LYS C 167 19.50 -5.83 22.70
CA LYS C 167 20.17 -6.00 21.42
C LYS C 167 20.86 -7.32 21.34
N ALA C 168 21.50 -7.73 22.45
CA ALA C 168 22.16 -9.06 22.56
C ALA C 168 21.28 -10.18 22.04
N VAL C 169 20.04 -10.22 22.56
CA VAL C 169 19.10 -11.23 22.23
C VAL C 169 18.90 -11.32 20.74
N PHE C 170 18.45 -10.25 20.11
CA PHE C 170 18.22 -10.25 18.66
C PHE C 170 19.42 -10.52 17.77
N ASP C 171 20.59 -10.02 18.21
CA ASP C 171 21.84 -10.42 17.59
C ASP C 171 21.98 -11.92 17.64
N ALA C 172 21.70 -12.52 18.79
CA ALA C 172 21.80 -13.98 18.94
C ALA C 172 20.75 -14.72 18.08
N ALA C 173 19.55 -14.13 17.95
CA ALA C 173 18.52 -14.74 17.11
C ALA C 173 19.03 -14.70 15.69
N ILE C 174 19.57 -13.57 15.29
CA ILE C 174 20.13 -13.42 13.95
C ILE C 174 21.29 -14.36 13.78
N LYS C 175 22.24 -14.39 14.73
CA LYS C 175 23.47 -15.22 14.55
C LYS C 175 23.11 -16.64 14.15
N VAL C 176 22.09 -17.21 14.81
CA VAL C 176 21.82 -18.64 14.81
C VAL C 176 21.11 -19.05 13.55
N VAL C 177 20.46 -18.10 12.92
CA VAL C 177 19.82 -18.32 11.65
C VAL C 177 20.87 -18.28 10.57
N LEU C 178 21.96 -17.56 10.79
CA LEU C 178 22.98 -17.40 9.75
C LEU C 178 24.10 -18.47 9.76
N GLN C 179 23.99 -19.46 10.64
CA GLN C 179 25.14 -20.18 11.15
C GLN C 179 24.73 -21.46 11.91
N ARG D 5 -7.94 -10.64 -18.62
CA ARG D 5 -7.69 -9.61 -19.68
C ARG D 5 -7.73 -8.18 -19.11
N PHE D 6 -6.69 -7.40 -19.41
CA PHE D 6 -6.58 -6.01 -18.90
C PHE D 6 -6.56 -4.97 -19.97
N ILE D 7 -7.25 -3.86 -19.78
CA ILE D 7 -7.20 -2.85 -20.80
C ILE D 7 -6.55 -1.58 -20.25
N LYS D 8 -5.48 -1.10 -20.87
CA LYS D 8 -4.99 0.19 -20.51
C LYS D 8 -5.55 1.22 -21.45
N CYS D 9 -6.43 2.08 -20.94
CA CYS D 9 -7.04 3.09 -21.74
C CYS D 9 -6.55 4.44 -21.34
N VAL D 10 -5.63 4.98 -22.12
CA VAL D 10 -5.25 6.35 -22.01
C VAL D 10 -6.09 7.22 -22.89
N THR D 11 -6.40 8.40 -22.40
CA THR D 11 -7.07 9.39 -23.20
C THR D 11 -6.21 10.60 -23.34
N VAL D 12 -5.93 11.02 -24.57
CA VAL D 12 -5.02 12.11 -24.81
C VAL D 12 -5.75 13.26 -25.47
N GLY D 13 -5.12 14.43 -25.50
CA GLY D 13 -5.60 15.52 -26.32
C GLY D 13 -5.03 16.87 -25.89
N ASP D 14 -5.57 17.94 -26.45
CA ASP D 14 -5.12 19.29 -26.11
C ASP D 14 -5.47 19.64 -24.68
N GLY D 15 -5.15 20.83 -24.25
CA GLY D 15 -5.64 21.29 -22.99
C GLY D 15 -6.99 21.92 -23.16
N ALA D 16 -7.84 21.81 -22.18
CA ALA D 16 -9.00 22.64 -22.15
C ALA D 16 -10.05 22.05 -23.00
N VAL D 17 -10.00 20.76 -23.16
CA VAL D 17 -10.69 20.12 -24.23
C VAL D 17 -11.71 19.26 -23.60
N GLY D 18 -11.49 18.95 -22.35
CA GLY D 18 -12.53 18.38 -21.54
C GLY D 18 -12.11 17.04 -21.05
N LYS D 19 -11.35 16.75 -20.77
CA LYS D 19 -10.85 15.41 -20.70
C LYS D 19 -11.07 14.89 -19.32
N THR D 20 -10.28 15.75 -18.58
CA THR D 20 -10.08 15.21 -17.27
C THR D 20 -11.39 15.16 -16.58
N CYS D 21 -12.44 15.27 -17.35
CA CYS D 21 -13.66 15.87 -16.92
C CYS D 21 -14.74 14.95 -17.45
N MET D 22 -14.59 14.54 -18.69
CA MET D 22 -15.10 13.27 -19.19
C MET D 22 -14.83 12.20 -18.22
N LEU D 23 -13.58 11.96 -17.97
CA LEU D 23 -13.20 10.87 -17.09
C LEU D 23 -13.90 10.92 -15.79
N ILE D 24 -13.89 12.07 -15.17
CA ILE D 24 -14.53 12.21 -13.88
C ILE D 24 -16.01 11.86 -13.98
N SER D 25 -16.59 12.19 -15.13
CA SER D 25 -18.01 12.01 -15.34
C SER D 25 -18.36 10.56 -15.61
N TYR D 26 -17.50 9.84 -16.35
CA TYR D 26 -17.69 8.42 -16.61
C TYR D 26 -17.71 7.61 -15.33
N THR D 27 -16.95 8.07 -14.36
CA THR D 27 -16.45 7.28 -13.27
C THR D 27 -17.19 7.63 -12.02
N SER D 28 -17.77 8.83 -11.97
CA SER D 28 -18.54 9.24 -10.78
C SER D 28 -19.82 10.03 -11.03
N ASN D 29 -20.03 10.45 -12.28
CA ASN D 29 -21.30 11.07 -12.65
C ASN D 29 -21.42 12.47 -12.04
N THR D 30 -20.30 13.20 -11.99
CA THR D 30 -20.29 14.55 -11.45
C THR D 30 -19.71 15.53 -12.46
N PHE D 31 -19.75 16.82 -12.12
CA PHE D 31 -18.94 17.83 -12.80
C PHE D 31 -17.87 18.38 -11.89
N PRO D 32 -17.16 19.41 -12.37
CA PRO D 32 -16.54 20.39 -11.49
C PRO D 32 -17.38 21.65 -11.39
N THR D 33 -17.77 22.01 -10.17
CA THR D 33 -17.83 23.41 -9.76
C THR D 33 -16.61 23.79 -8.93
N PRO D 37 -10.40 21.84 -6.96
CA PRO D 37 -9.66 21.37 -8.14
C PRO D 37 -10.20 20.05 -8.71
N THR D 38 -10.32 19.96 -10.02
CA THR D 38 -10.62 18.72 -10.67
C THR D 38 -9.41 17.83 -10.68
N VAL D 39 -9.43 16.72 -9.96
CA VAL D 39 -8.37 15.73 -10.11
C VAL D 39 -8.88 14.36 -10.46
N PHE D 40 -8.27 13.70 -11.45
CA PHE D 40 -8.59 12.32 -11.75
C PHE D 40 -7.44 11.39 -11.53
N ASP D 41 -7.42 10.74 -10.39
CA ASP D 41 -6.39 9.74 -10.10
C ASP D 41 -6.55 8.49 -10.92
N ASN D 42 -5.44 7.79 -11.11
CA ASN D 42 -5.46 6.58 -11.89
C ASN D 42 -6.46 5.66 -11.30
N PHE D 43 -7.32 5.16 -12.20
CA PHE D 43 -8.48 4.35 -11.87
C PHE D 43 -8.49 3.02 -12.56
N SER D 44 -8.82 1.96 -11.79
CA SER D 44 -9.10 0.60 -12.30
C SER D 44 -10.31 0.02 -11.64
N ALA D 45 -11.07 -0.75 -12.38
CA ALA D 45 -12.24 -1.37 -11.84
C ALA D 45 -12.55 -2.62 -12.65
N ASN D 46 -13.18 -3.59 -12.05
CA ASN D 46 -13.60 -4.70 -12.87
C ASN D 46 -14.85 -4.40 -13.66
N VAL D 47 -14.84 -4.78 -14.91
CA VAL D 47 -16.01 -4.61 -15.74
C VAL D 47 -16.49 -5.90 -16.37
N VAL D 48 -17.80 -6.03 -16.48
CA VAL D 48 -18.39 -7.14 -17.19
C VAL D 48 -18.77 -6.75 -18.61
N VAL D 49 -18.21 -7.47 -19.58
CA VAL D 49 -18.53 -7.26 -20.99
C VAL D 49 -18.90 -8.58 -21.67
N ASP D 50 -20.15 -8.66 -22.17
CA ASP D 50 -20.70 -9.89 -22.79
C ASP D 50 -20.30 -11.14 -21.99
N GLY D 51 -20.65 -11.16 -20.69
CA GLY D 51 -20.34 -12.30 -19.81
C GLY D 51 -18.89 -12.41 -19.32
N ASN D 52 -17.93 -12.05 -20.16
CA ASN D 52 -16.55 -12.07 -19.70
C ASN D 52 -16.22 -10.82 -18.91
N THR D 53 -15.25 -10.94 -18.00
CA THR D 53 -14.90 -9.82 -17.10
C THR D 53 -13.53 -9.22 -17.39
N VAL D 54 -13.51 -7.92 -17.67
CA VAL D 54 -12.28 -7.27 -18.09
C VAL D 54 -11.83 -6.36 -16.95
N ASN D 55 -10.53 -6.11 -16.81
CA ASN D 55 -10.13 -5.12 -15.81
C ASN D 55 -9.74 -3.75 -16.40
N LEU D 56 -10.62 -2.77 -16.31
CA LEU D 56 -10.40 -1.47 -16.98
C LEU D 56 -9.36 -0.61 -16.30
N GLY D 57 -8.48 0.02 -17.08
CA GLY D 57 -7.51 0.97 -16.55
C GLY D 57 -7.66 2.34 -17.20
N LEU D 58 -8.02 3.36 -16.43
CA LEU D 58 -8.25 4.66 -17.01
C LEU D 58 -7.09 5.60 -16.72
N TRP D 59 -6.55 6.27 -17.74
CA TRP D 59 -5.36 7.13 -17.58
C TRP D 59 -5.66 8.52 -18.06
N ASP D 60 -5.32 9.52 -17.25
CA ASP D 60 -5.48 10.89 -17.64
C ASP D 60 -4.13 11.40 -18.16
N THR D 61 -4.14 12.42 -19.04
CA THR D 61 -2.88 12.98 -19.51
C THR D 61 -2.71 14.45 -19.16
N ALA D 62 -3.73 15.05 -18.54
CA ALA D 62 -3.67 16.52 -18.27
C ALA D 62 -2.36 17.04 -17.70
N GLY D 63 -1.66 17.88 -18.36
CA GLY D 63 -0.32 18.27 -18.12
C GLY D 63 0.60 18.13 -19.20
N GLN D 64 0.45 17.04 -19.90
CA GLN D 64 1.46 16.59 -20.81
C GLN D 64 1.29 17.48 -21.97
N GLU D 65 0.78 18.66 -21.68
CA GLU D 65 0.65 19.77 -22.63
C GLU D 65 1.36 21.02 -22.13
N ASP D 66 2.26 20.84 -21.17
CA ASP D 66 3.08 21.94 -20.68
C ASP D 66 4.51 21.48 -20.40
N TYR D 67 4.75 20.18 -20.52
CA TYR D 67 6.05 19.61 -20.23
C TYR D 67 6.13 18.15 -20.66
N ASN D 68 6.98 17.87 -21.64
CA ASN D 68 6.98 16.55 -22.34
C ASN D 68 7.40 15.52 -21.31
N ARG D 69 8.32 15.96 -20.41
CA ARG D 69 8.86 15.09 -19.38
C ARG D 69 7.96 14.78 -18.18
N LEU D 70 6.71 15.28 -18.17
CA LEU D 70 5.89 15.22 -16.95
C LEU D 70 5.27 13.87 -16.68
N ARG D 71 4.78 13.25 -17.74
CA ARG D 71 4.10 11.96 -17.58
C ARG D 71 4.75 10.90 -18.42
N PRO D 72 5.86 10.32 -17.90
CA PRO D 72 6.55 9.30 -18.68
C PRO D 72 5.83 8.00 -18.84
N LEU D 73 4.73 7.73 -18.13
CA LEU D 73 4.10 6.40 -18.30
C LEU D 73 2.88 6.34 -19.18
N SER D 74 2.41 7.46 -19.69
CA SER D 74 1.21 7.56 -20.52
C SER D 74 1.12 6.54 -21.63
N TYR D 75 2.14 6.46 -22.49
CA TYR D 75 2.11 5.55 -23.62
C TYR D 75 2.59 4.10 -23.43
N ARG D 76 3.21 3.76 -22.31
CA ARG D 76 3.73 2.42 -22.15
C ARG D 76 2.60 1.40 -22.01
N GLY D 77 2.66 0.36 -22.82
CA GLY D 77 1.63 -0.65 -22.80
C GLY D 77 0.20 -0.19 -23.01
N ALA D 78 -0.01 0.93 -23.68
CA ALA D 78 -1.38 1.42 -23.88
C ALA D 78 -2.15 0.51 -24.79
N ASP D 79 -3.38 0.20 -24.44
CA ASP D 79 -4.21 -0.70 -25.28
C ASP D 79 -5.17 -0.03 -26.24
N VAL D 80 -5.49 1.22 -25.97
CA VAL D 80 -6.40 1.98 -26.79
C VAL D 80 -6.28 3.46 -26.38
N PHE D 81 -6.36 4.37 -27.35
CA PHE D 81 -6.40 5.80 -27.04
C PHE D 81 -7.74 6.42 -27.31
N ILE D 82 -8.09 7.38 -26.45
CA ILE D 82 -9.23 8.23 -26.69
C ILE D 82 -8.63 9.57 -27.02
N LEU D 83 -8.79 9.99 -28.27
CA LEU D 83 -8.18 11.23 -28.77
C LEU D 83 -9.23 12.33 -28.85
N ALA D 84 -9.30 13.16 -27.83
CA ALA D 84 -10.37 14.11 -27.69
C ALA D 84 -10.02 15.48 -28.22
N PHE D 85 -10.98 16.13 -28.86
CA PHE D 85 -10.77 17.51 -29.30
C PHE D 85 -12.02 18.22 -28.93
N SER D 86 -11.99 19.54 -28.72
CA SER D 86 -13.19 20.27 -28.27
C SER D 86 -13.96 20.72 -29.46
N LEU D 87 -15.25 20.44 -29.44
CA LEU D 87 -16.08 20.76 -30.61
C LEU D 87 -16.27 22.24 -30.77
N ILE D 88 -15.81 23.04 -29.81
CA ILE D 88 -15.86 24.50 -29.95
C ILE D 88 -14.48 25.14 -30.21
N SER D 89 -13.54 24.34 -30.68
CA SER D 89 -12.20 24.81 -30.97
C SER D 89 -11.60 24.36 -32.32
N LYS D 90 -11.64 25.24 -33.34
CA LYS D 90 -11.04 24.88 -34.62
C LYS D 90 -9.59 24.45 -34.37
N ALA D 91 -8.88 25.16 -33.51
CA ALA D 91 -7.47 24.81 -33.23
C ALA D 91 -7.29 23.40 -32.65
N SER D 92 -8.12 23.00 -31.70
CA SER D 92 -8.06 21.57 -31.29
C SER D 92 -8.31 20.58 -32.44
N TYR D 93 -9.29 20.86 -33.30
CA TYR D 93 -9.54 20.09 -34.51
C TYR D 93 -8.29 20.00 -35.41
N GLU D 94 -7.73 21.17 -35.73
CA GLU D 94 -6.59 21.27 -36.62
C GLU D 94 -5.43 20.52 -36.00
N ASN D 95 -5.39 20.48 -34.68
CA ASN D 95 -4.21 19.99 -34.04
C ASN D 95 -4.12 18.50 -34.09
N VAL D 96 -5.28 17.82 -34.07
CA VAL D 96 -5.39 16.34 -34.07
C VAL D 96 -4.47 15.73 -35.13
N ALA D 97 -4.57 16.23 -36.35
CA ALA D 97 -3.66 15.88 -37.39
C ALA D 97 -2.24 16.49 -37.22
N LYS D 98 -2.13 17.80 -37.00
CA LYS D 98 -0.79 18.48 -36.95
C LYS D 98 0.10 17.97 -35.80
N LYS D 99 -0.52 17.41 -34.76
CA LYS D 99 0.22 17.06 -33.54
C LYS D 99 -0.09 15.66 -32.93
N TRP D 100 -1.35 15.34 -32.66
CA TRP D 100 -1.62 14.03 -32.01
C TRP D 100 -1.30 12.73 -32.75
N ILE D 101 -1.73 12.61 -34.00
CA ILE D 101 -1.46 11.44 -34.80
C ILE D 101 0.07 11.14 -34.88
N PRO D 102 0.90 12.14 -35.29
CA PRO D 102 2.36 11.96 -35.20
C PRO D 102 2.91 11.48 -33.87
N GLU D 103 2.26 11.79 -32.73
CA GLU D 103 2.77 11.29 -31.43
C GLU D 103 2.47 9.85 -31.31
N LEU D 104 1.20 9.53 -31.48
CA LEU D 104 0.73 8.19 -31.28
C LEU D 104 1.41 7.28 -32.25
N ARG D 105 1.64 7.75 -33.48
CA ARG D 105 2.25 6.91 -34.50
C ARG D 105 3.66 6.58 -34.15
N HIS D 106 4.24 7.37 -33.24
CA HIS D 106 5.63 7.16 -32.88
C HIS D 106 5.79 6.40 -31.59
N TYR D 107 5.16 6.91 -30.52
CA TYR D 107 5.28 6.32 -29.20
C TYR D 107 4.54 5.00 -29.05
N ALA D 108 3.46 4.82 -29.78
CA ALA D 108 2.62 3.67 -29.55
C ALA D 108 1.99 3.25 -30.87
N PRO D 109 2.83 2.84 -31.84
CA PRO D 109 2.28 2.58 -33.15
C PRO D 109 1.21 1.48 -33.08
N GLY D 110 0.29 1.48 -34.04
CA GLY D 110 -0.66 0.41 -34.19
C GLY D 110 -1.73 0.25 -33.10
N VAL D 111 -1.51 0.89 -31.95
CA VAL D 111 -2.52 0.88 -30.88
C VAL D 111 -3.71 1.67 -31.40
N PRO D 112 -4.95 1.11 -31.31
CA PRO D 112 -6.16 1.74 -31.88
C PRO D 112 -6.54 3.10 -31.27
N ILE D 113 -7.24 3.94 -32.04
CA ILE D 113 -7.68 5.29 -31.57
C ILE D 113 -9.20 5.59 -31.71
N ILE D 114 -9.86 5.80 -30.59
CA ILE D 114 -11.21 6.33 -30.60
C ILE D 114 -11.15 7.86 -30.68
N LEU D 115 -11.87 8.45 -31.65
CA LEU D 115 -11.86 9.92 -31.84
C LEU D 115 -13.02 10.53 -31.08
N VAL D 116 -12.79 11.55 -30.27
CA VAL D 116 -13.92 12.13 -29.55
C VAL D 116 -14.01 13.65 -29.58
N GLY D 117 -15.14 14.15 -30.03
CA GLY D 117 -15.45 15.55 -29.91
C GLY D 117 -16.12 15.78 -28.58
N THR D 118 -15.57 16.67 -27.78
CA THR D 118 -16.12 16.94 -26.48
C THR D 118 -16.87 18.24 -26.53
N LYS D 119 -17.63 18.49 -25.48
CA LYS D 119 -18.40 19.72 -25.32
C LYS D 119 -19.57 19.78 -26.28
N LEU D 120 -20.25 18.63 -26.41
CA LEU D 120 -21.38 18.54 -27.30
C LEU D 120 -22.36 19.65 -26.96
N ASP D 121 -22.68 19.88 -25.71
CA ASP D 121 -23.73 20.82 -25.34
C ASP D 121 -23.54 22.24 -25.83
N LEU D 122 -22.33 22.56 -26.24
CA LEU D 122 -22.06 23.94 -26.59
C LEU D 122 -22.13 24.21 -28.07
N ARG D 123 -22.15 23.15 -28.88
CA ARG D 123 -22.00 23.32 -30.29
C ARG D 123 -23.15 24.02 -30.97
N ASP D 124 -24.39 23.65 -30.72
CA ASP D 124 -25.43 24.37 -31.41
C ASP D 124 -25.93 25.54 -30.52
N ASP D 125 -25.20 25.85 -29.45
CA ASP D 125 -25.52 27.00 -28.61
C ASP D 125 -25.20 28.35 -29.29
N LYS D 126 -26.25 29.04 -29.80
CA LYS D 126 -25.98 30.24 -30.64
C LYS D 126 -25.40 31.41 -29.83
N GLN D 127 -25.83 31.59 -28.58
CA GLN D 127 -25.48 32.80 -27.80
C GLN D 127 -24.04 32.73 -27.29
N PHE D 128 -23.62 31.51 -26.97
CA PHE D 128 -22.24 31.26 -26.67
C PHE D 128 -21.22 31.81 -27.68
N PHE D 129 -21.46 31.62 -28.97
CA PHE D 129 -20.48 32.12 -29.95
C PHE D 129 -20.51 33.63 -30.16
N ILE D 130 -21.66 34.25 -29.90
CA ILE D 130 -21.72 35.72 -29.80
C ILE D 130 -20.83 36.20 -28.62
N ASP D 131 -20.86 35.44 -27.53
CA ASP D 131 -20.10 35.76 -26.32
C ASP D 131 -18.62 35.41 -26.41
N HIS D 132 -18.27 34.47 -27.30
CA HIS D 132 -16.89 34.01 -27.46
C HIS D 132 -16.49 33.98 -28.94
N PRO D 133 -16.40 35.15 -29.60
CA PRO D 133 -16.27 35.16 -31.07
C PRO D 133 -15.10 34.28 -31.60
N GLY D 134 -14.08 34.09 -30.77
CA GLY D 134 -12.92 33.33 -31.20
C GLY D 134 -13.12 31.83 -31.33
N ALA D 135 -14.33 31.36 -31.10
CA ALA D 135 -14.62 29.94 -31.17
C ALA D 135 -15.41 29.64 -32.43
N VAL D 136 -15.18 28.48 -33.02
CA VAL D 136 -15.85 28.07 -34.24
C VAL D 136 -16.42 26.69 -33.98
N PRO D 137 -17.71 26.44 -34.27
CA PRO D 137 -18.13 25.09 -33.86
C PRO D 137 -17.80 24.04 -34.92
N ILE D 138 -17.28 22.93 -34.49
CA ILE D 138 -17.10 21.85 -35.44
C ILE D 138 -18.38 21.04 -35.70
N THR D 139 -18.65 20.79 -36.98
CA THR D 139 -19.74 19.96 -37.47
C THR D 139 -19.45 18.47 -37.33
N THR D 140 -20.48 17.73 -36.90
CA THR D 140 -20.44 16.25 -36.85
C THR D 140 -19.88 15.66 -38.12
N ASN D 141 -20.16 16.28 -39.26
CA ASN D 141 -19.53 15.87 -40.52
C ASN D 141 -18.05 16.07 -40.48
N GLN D 142 -17.60 17.30 -40.25
CA GLN D 142 -16.18 17.53 -40.13
C GLN D 142 -15.62 16.48 -39.14
N GLY D 143 -16.41 16.15 -38.11
CA GLY D 143 -16.02 15.14 -37.16
C GLY D 143 -15.72 13.86 -37.93
N GLU D 144 -16.74 13.34 -38.63
CA GLU D 144 -16.58 12.15 -39.45
C GLU D 144 -15.36 12.25 -40.38
N GLU D 145 -15.26 13.37 -41.09
CA GLU D 145 -14.25 13.53 -42.11
C GLU D 145 -12.90 13.24 -41.48
N LEU D 146 -12.68 13.89 -40.31
CA LEU D 146 -11.51 13.73 -39.48
C LEU D 146 -11.29 12.27 -39.11
N LYS D 147 -12.36 11.64 -38.63
CA LYS D 147 -12.33 10.22 -38.27
C LYS D 147 -11.76 9.39 -39.40
N LYS D 148 -12.44 9.42 -40.54
CA LYS D 148 -12.07 8.62 -41.74
C LYS D 148 -10.61 8.93 -42.08
N LEU D 149 -10.21 10.21 -41.91
CA LEU D 149 -8.86 10.65 -42.20
C LEU D 149 -7.84 10.04 -41.27
N ILE D 150 -7.91 10.39 -39.99
CA ILE D 150 -6.90 9.92 -39.04
C ILE D 150 -6.89 8.39 -38.99
N GLY D 151 -7.78 7.78 -39.79
CA GLY D 151 -7.73 6.35 -40.03
C GLY D 151 -8.27 5.54 -38.89
N SER D 152 -9.17 6.10 -38.11
CA SER D 152 -9.64 5.41 -36.93
C SER D 152 -11.07 4.90 -37.05
N PRO D 153 -11.43 3.89 -36.24
CA PRO D 153 -12.68 3.14 -36.45
C PRO D 153 -13.98 3.79 -35.98
N ILE D 154 -13.89 4.70 -34.99
CA ILE D 154 -15.06 5.24 -34.29
C ILE D 154 -15.00 6.72 -33.94
N TYR D 155 -16.06 7.45 -34.27
CA TYR D 155 -16.18 8.85 -33.87
C TYR D 155 -17.41 9.07 -33.01
N ILE D 156 -17.20 9.49 -31.77
CA ILE D 156 -18.31 9.85 -30.93
C ILE D 156 -18.22 11.31 -30.42
N GLU D 157 -19.36 11.98 -30.31
CA GLU D 157 -19.41 13.29 -29.70
C GLU D 157 -20.14 13.16 -28.37
N CYS D 158 -19.57 13.74 -27.32
CA CYS D 158 -20.13 13.62 -26.01
C CYS D 158 -20.01 14.91 -25.19
N SER D 159 -20.62 14.92 -24.01
CA SER D 159 -20.55 16.04 -23.09
C SER D 159 -20.45 15.58 -21.66
N SER D 160 -19.44 16.01 -20.91
CA SER D 160 -19.45 15.65 -19.52
C SER D 160 -20.62 16.31 -18.87
N LYS D 161 -21.02 17.48 -19.34
CA LYS D 161 -22.03 18.23 -18.63
C LYS D 161 -23.38 17.53 -18.68
N THR D 162 -23.81 17.15 -19.87
CA THR D 162 -25.09 16.48 -20.05
C THR D 162 -24.92 15.04 -19.76
N GLN D 163 -23.73 14.55 -20.04
CA GLN D 163 -23.34 13.15 -19.88
C GLN D 163 -23.69 12.32 -21.11
N GLN D 164 -24.20 13.01 -22.13
CA GLN D 164 -24.53 12.42 -23.39
C GLN D 164 -23.35 11.71 -24.00
N ASN D 165 -23.54 10.43 -24.32
CA ASN D 165 -22.58 9.56 -25.03
C ASN D 165 -21.28 9.24 -24.32
N VAL D 166 -21.12 9.68 -23.09
CA VAL D 166 -19.90 9.37 -22.38
C VAL D 166 -19.70 7.86 -22.21
N LYS D 167 -20.61 7.15 -21.53
CA LYS D 167 -20.51 5.67 -21.48
C LYS D 167 -20.15 5.06 -22.83
N ALA D 168 -20.80 5.52 -23.89
CA ALA D 168 -20.49 5.09 -25.26
C ALA D 168 -19.01 5.13 -25.61
N VAL D 169 -18.35 6.23 -25.28
CA VAL D 169 -17.00 6.44 -25.66
C VAL D 169 -16.20 5.25 -25.17
N PHE D 170 -16.25 5.05 -23.86
CA PHE D 170 -15.58 3.91 -23.22
C PHE D 170 -15.98 2.53 -23.68
N ASP D 171 -17.28 2.32 -23.88
CA ASP D 171 -17.72 1.02 -24.33
C ASP D 171 -16.99 0.78 -25.64
N ALA D 172 -17.01 1.82 -26.50
CA ALA D 172 -16.31 1.79 -27.78
C ALA D 172 -14.80 1.50 -27.61
N ALA D 173 -14.11 2.27 -26.75
CA ALA D 173 -12.73 1.98 -26.40
C ALA D 173 -12.56 0.52 -25.99
N ILE D 174 -13.42 0.00 -25.11
CA ILE D 174 -13.29 -1.38 -24.67
C ILE D 174 -13.40 -2.35 -25.87
N LYS D 175 -14.41 -2.11 -26.72
CA LYS D 175 -14.69 -3.00 -27.84
C LYS D 175 -13.53 -3.16 -28.80
N VAL D 176 -12.84 -2.09 -29.19
CA VAL D 176 -11.77 -2.22 -30.18
C VAL D 176 -10.61 -2.99 -29.68
N VAL D 177 -10.52 -3.13 -28.37
CA VAL D 177 -9.50 -3.98 -27.80
C VAL D 177 -9.93 -5.42 -27.77
N LEU D 178 -11.19 -5.68 -27.39
CA LEU D 178 -11.66 -7.05 -27.30
C LEU D 178 -11.88 -7.68 -28.67
N GLN D 179 -12.10 -6.84 -29.69
CA GLN D 179 -12.20 -7.28 -31.11
C GLN D 179 -11.48 -6.38 -32.10
#